data_5RL8
#
_entry.id   5RL8
#
_cell.length_a   59.112
_cell.length_b   70.206
_cell.length_c   85.095
_cell.angle_alpha   102.610
_cell.angle_beta   95.930
_cell.angle_gamma   112.440
#
_symmetry.space_group_name_H-M   'P 1'
#
loop_
_entity.id
_entity.type
_entity.pdbx_description
1 polymer Helicase
2 non-polymer N-(2-fluorophenyl)ethanesulfonamide
3 non-polymer 'ZINC ION'
4 non-polymer 'PHOSPHATE ION'
5 water water
#
_entity_poly.entity_id   1
_entity_poly.type   'polypeptide(L)'
_entity_poly.pdbx_seq_one_letter_code
;AVGACVLCNSQTSLRCGACIRRPFLCCKCCYDHVISTSHKLVLSVNPYVCNAPGCDVTDVTQLYLGGMSYYCKSHKPPIS
FPLCANGQVFGLYKNTCVGSDNVTDFNAIATCDWTNAGDYILANTCTERLKLFAAETLKATEETFKLSYGIATVREVLSD
RELHLSWEVGKPRPPLNRNYVFTGYRVTKNSKVQIGEYTFEKGDYGDAVVYRGTTTYKLNVGDYFVLTSHTVMPLSAPTL
VPQEHYVRITGLYPTLNISDEFSSNVANYQKVGMQKYSTLQGPPGTGKSHFAIGLALYYPSARIVYTACSHAAVDALCEK
ALKYLPIDKCSRIIPARARVECFDKFKVNSTLEQYVFCTVNALPETTADIVVFDEISMATNYDLSVVNARLRAKHYVYIG
DPAQLPAPRTLLTKGTLEPEYFNSVCRLMKTIGPDMFLGTCRRCPAEIVDTVSALVYDNKLKAHKDKSAQCFKMFYKGVI
THDVSSAINRPQIGVVREFLTRNPAWRKAVFISPYNSQNAVASKILGLPTQTVDSSQGSEYDYVIFTQTTETAHSCNVNR
FNVAITRAKVGILCIMSDRDLYDKLQFTSLEIPRRNVATLQ
;
_entity_poly.pdbx_strand_id   B,A
#
loop_
_chem_comp.id
_chem_comp.type
_chem_comp.name
_chem_comp.formula
PO4 non-polymer 'PHOSPHATE ION' 'O4 P -3'
VVG non-polymer N-(2-fluorophenyl)ethanesulfonamide 'C8 H10 F N O2 S'
ZN non-polymer 'ZINC ION' 'Zn 2'
#
# COMPACT_ATOMS: atom_id res chain seq x y z
N VAL A 2 18.48 2.44 19.40
CA VAL A 2 18.44 3.72 20.19
C VAL A 2 17.07 4.40 19.97
N GLY A 3 16.56 5.10 20.99
CA GLY A 3 15.23 5.73 20.94
C GLY A 3 14.93 6.49 22.20
N ALA A 4 13.64 6.55 22.58
CA ALA A 4 13.09 7.43 23.64
C ALA A 4 12.28 6.63 24.69
N CYS A 5 12.73 6.68 25.93
CA CYS A 5 12.03 6.05 27.08
C CYS A 5 10.58 6.55 27.14
N VAL A 6 9.64 5.70 26.72
CA VAL A 6 8.17 5.96 26.70
C VAL A 6 7.65 6.47 28.06
N LEU A 7 8.44 6.45 29.14
CA LEU A 7 7.99 6.98 30.47
C LEU A 7 8.67 8.31 30.81
N CYS A 8 9.94 8.47 30.43
CA CYS A 8 10.81 9.65 30.69
C CYS A 8 11.02 10.48 29.42
N ASN A 9 11.18 9.80 28.29
CA ASN A 9 11.62 10.36 26.98
C ASN A 9 13.15 10.31 26.96
N SER A 10 13.76 10.33 28.15
CA SER A 10 15.19 10.00 28.38
C SER A 10 15.72 9.21 27.18
N GLN A 11 16.76 9.73 26.51
CA GLN A 11 17.42 9.04 25.36
C GLN A 11 17.95 7.71 25.87
N THR A 12 17.81 6.62 25.12
CA THR A 12 18.15 5.25 25.61
C THR A 12 18.49 4.29 24.47
N SER A 13 19.22 3.22 24.82
CA SER A 13 19.66 2.11 23.93
C SER A 13 18.98 0.79 24.32
N LEU A 14 17.95 0.84 25.17
CA LEU A 14 17.28 -0.36 25.76
C LEU A 14 15.81 -0.41 25.31
N ARG A 15 15.39 -1.54 24.74
CA ARG A 15 13.95 -1.90 24.57
C ARG A 15 13.65 -3.20 25.32
N CYS A 16 12.57 -3.22 26.11
CA CYS A 16 12.03 -4.47 26.73
C CYS A 16 11.72 -5.44 25.62
N GLY A 17 12.25 -6.65 25.72
CA GLY A 17 12.16 -7.66 24.65
C GLY A 17 11.00 -8.60 24.92
N ALA A 18 10.40 -8.54 26.12
CA ALA A 18 9.26 -9.38 26.54
C ALA A 18 7.95 -8.69 26.13
N CYS A 19 7.92 -7.34 26.22
CA CYS A 19 6.88 -6.44 25.65
C CYS A 19 6.69 -6.71 24.15
N ILE A 20 5.44 -6.94 23.73
CA ILE A 20 5.20 -7.29 22.30
C ILE A 20 5.56 -6.09 21.42
N ARG A 21 5.54 -4.84 21.93
CA ARG A 21 5.88 -3.65 21.10
C ARG A 21 7.36 -3.25 21.22
N ARG A 22 8.11 -3.84 22.16
CA ARG A 22 9.54 -3.54 22.37
C ARG A 22 9.76 -2.07 22.61
N PRO A 23 9.04 -1.45 23.57
CA PRO A 23 9.22 -0.03 23.84
C PRO A 23 10.66 0.21 24.27
N PHE A 24 11.27 1.32 23.83
CA PHE A 24 12.48 1.91 24.45
C PHE A 24 12.21 2.23 25.90
N LEU A 25 13.08 1.75 26.79
CA LEU A 25 13.05 2.09 28.24
C LEU A 25 14.45 2.56 28.69
N CYS A 26 14.51 3.67 29.44
CA CYS A 26 15.78 4.26 29.94
C CYS A 26 16.29 3.40 31.10
N CYS A 27 17.59 3.21 31.15
CA CYS A 27 18.27 2.47 32.24
C CYS A 27 17.39 2.45 33.48
N LYS A 28 16.88 3.59 33.93
CA LYS A 28 16.07 3.64 35.17
C LYS A 28 14.76 2.89 34.87
N CYS A 29 14.02 3.30 33.84
CA CYS A 29 12.63 2.82 33.60
C CYS A 29 12.71 1.35 33.16
N CYS A 30 13.75 0.97 32.41
CA CYS A 30 13.98 -0.42 31.97
C CYS A 30 14.14 -1.34 33.18
N TYR A 31 14.91 -0.88 34.19
CA TYR A 31 15.18 -1.55 35.49
C TYR A 31 13.88 -1.68 36.29
N ASP A 32 13.23 -0.54 36.58
CA ASP A 32 11.99 -0.49 37.41
C ASP A 32 10.95 -1.39 36.76
N HIS A 33 11.00 -1.52 35.43
CA HIS A 33 10.13 -2.43 34.63
C HIS A 33 10.47 -3.90 34.87
N VAL A 34 11.73 -4.29 34.62
CA VAL A 34 12.19 -5.72 34.68
C VAL A 34 12.01 -6.29 36.09
N ILE A 35 12.22 -5.51 37.16
CA ILE A 35 12.28 -6.07 38.55
C ILE A 35 10.87 -6.15 39.13
N SER A 36 9.87 -5.55 38.50
CA SER A 36 8.50 -5.46 39.06
C SER A 36 7.48 -6.21 38.18
N THR A 37 7.95 -6.91 37.13
CA THR A 37 7.13 -7.77 36.24
C THR A 37 7.90 -9.06 35.93
N SER A 38 7.32 -9.95 35.13
CA SER A 38 7.94 -11.17 34.56
C SER A 38 8.80 -10.81 33.35
N HIS A 39 8.71 -9.58 32.86
CA HIS A 39 9.49 -9.16 31.66
C HIS A 39 10.95 -9.07 32.05
N LYS A 40 11.82 -9.94 31.50
CA LYS A 40 13.27 -9.97 31.87
C LYS A 40 14.17 -9.99 30.62
N LEU A 41 13.63 -10.25 29.42
CA LEU A 41 14.46 -10.15 28.20
C LEU A 41 14.62 -8.65 27.91
N VAL A 42 15.83 -8.20 27.57
CA VAL A 42 16.15 -6.77 27.33
C VAL A 42 16.97 -6.71 26.05
N LEU A 43 16.54 -5.89 25.08
CA LEU A 43 17.22 -5.68 23.78
C LEU A 43 17.91 -4.31 23.78
N SER A 44 19.13 -4.24 23.24
CA SER A 44 19.85 -2.96 22.99
C SER A 44 20.12 -2.78 21.49
N VAL A 45 21.38 -2.46 21.15
CA VAL A 45 21.99 -2.65 19.79
C VAL A 45 22.12 -4.16 19.58
N ASN A 46 22.19 -4.90 20.69
CA ASN A 46 22.13 -6.39 20.69
C ASN A 46 21.09 -6.81 21.71
N PRO A 47 20.78 -8.13 21.82
CA PRO A 47 19.91 -8.68 22.86
C PRO A 47 20.66 -9.17 24.11
N TYR A 48 20.36 -8.62 25.28
CA TYR A 48 20.98 -9.00 26.58
C TYR A 48 20.64 -10.48 26.86
N VAL A 49 21.40 -11.37 26.22
CA VAL A 49 21.28 -12.85 26.32
C VAL A 49 22.71 -13.40 26.49
N CYS A 50 22.88 -14.57 27.13
CA CYS A 50 24.24 -15.16 27.32
C CYS A 50 24.76 -15.65 25.96
N ASN A 51 25.83 -15.05 25.44
CA ASN A 51 26.48 -15.42 24.15
C ASN A 51 27.43 -16.60 24.38
N ALA A 52 27.18 -17.45 25.38
CA ALA A 52 27.91 -18.71 25.61
C ALA A 52 27.29 -19.79 24.72
N PRO A 53 28.07 -20.79 24.28
CA PRO A 53 27.57 -21.81 23.36
C PRO A 53 26.58 -22.79 24.03
N GLY A 54 25.30 -22.73 23.65
CA GLY A 54 24.22 -23.61 24.16
C GLY A 54 23.90 -23.36 25.63
N CYS A 55 23.76 -22.09 26.03
CA CYS A 55 23.20 -21.64 27.34
C CYS A 55 21.89 -20.88 27.09
N ASP A 56 20.89 -21.09 27.95
CA ASP A 56 19.50 -20.57 27.78
C ASP A 56 19.22 -19.48 28.83
N VAL A 57 20.19 -18.62 29.16
CA VAL A 57 19.93 -17.48 30.09
C VAL A 57 19.62 -16.23 29.26
N THR A 58 18.40 -15.71 29.44
CA THR A 58 17.86 -14.46 28.84
C THR A 58 17.44 -13.45 29.93
N ASP A 59 17.37 -13.85 31.21
CA ASP A 59 17.01 -12.93 32.33
C ASP A 59 18.15 -11.93 32.53
N VAL A 60 17.87 -10.63 32.41
CA VAL A 60 18.91 -9.56 32.43
C VAL A 60 19.45 -9.42 33.87
N THR A 61 18.65 -9.76 34.89
CA THR A 61 19.06 -9.77 36.33
C THR A 61 20.08 -10.89 36.61
N GLN A 62 20.27 -11.84 35.69
CA GLN A 62 21.15 -13.03 35.86
C GLN A 62 22.31 -12.97 34.88
N LEU A 63 22.61 -11.81 34.29
CA LEU A 63 23.61 -11.68 33.20
C LEU A 63 24.59 -10.55 33.48
N TYR A 64 25.74 -10.60 32.79
CA TYR A 64 26.96 -9.77 33.00
C TYR A 64 27.59 -9.45 31.64
N LEU A 65 28.07 -8.22 31.48
CA LEU A 65 28.97 -7.78 30.39
C LEU A 65 30.43 -8.16 30.74
N GLY A 66 30.98 -9.16 30.05
CA GLY A 66 32.36 -9.65 30.22
C GLY A 66 33.10 -9.73 28.89
N GLY A 67 33.96 -8.76 28.60
CA GLY A 67 34.47 -8.47 27.24
C GLY A 67 33.59 -7.43 26.58
N MET A 68 33.12 -7.69 25.36
CA MET A 68 32.03 -6.91 24.73
C MET A 68 30.82 -7.82 24.46
N SER A 69 30.83 -9.01 25.08
CA SER A 69 29.78 -10.06 25.02
C SER A 69 29.11 -10.24 26.40
N TYR A 70 27.89 -10.77 26.41
CA TYR A 70 27.01 -10.90 27.60
C TYR A 70 27.06 -12.36 28.07
N TYR A 71 27.16 -12.58 29.38
CA TYR A 71 27.26 -13.93 29.99
C TYR A 71 26.42 -14.01 31.28
N CYS A 72 25.89 -15.21 31.55
CA CYS A 72 25.29 -15.55 32.87
C CYS A 72 26.43 -15.75 33.88
N LYS A 73 26.06 -16.07 35.14
CA LYS A 73 27.03 -16.35 36.23
C LYS A 73 28.00 -17.43 35.75
N SER A 74 27.46 -18.55 35.24
CA SER A 74 28.17 -19.82 34.93
C SER A 74 29.25 -19.63 33.86
N HIS A 75 29.05 -18.72 32.91
CA HIS A 75 29.90 -18.62 31.70
C HIS A 75 30.75 -17.34 31.72
N LYS A 76 30.52 -16.43 32.68
CA LYS A 76 31.11 -15.06 32.58
C LYS A 76 32.62 -15.19 32.70
N PRO A 77 33.39 -14.28 32.07
CA PRO A 77 34.84 -14.21 32.30
C PRO A 77 35.18 -13.64 33.68
N PRO A 78 36.47 -13.63 34.08
CA PRO A 78 36.87 -13.16 35.40
C PRO A 78 36.46 -11.69 35.61
N ILE A 79 36.73 -10.88 34.59
CA ILE A 79 36.40 -9.43 34.52
C ILE A 79 35.04 -9.31 33.81
N SER A 80 34.04 -8.82 34.54
CA SER A 80 32.65 -8.56 34.07
C SER A 80 31.94 -7.69 35.10
N PHE A 81 30.97 -6.86 34.68
CA PHE A 81 30.03 -6.18 35.61
C PHE A 81 28.59 -6.60 35.26
N PRO A 82 27.69 -6.73 36.26
CA PRO A 82 26.33 -7.21 36.00
C PRO A 82 25.62 -6.18 35.13
N LEU A 83 24.79 -6.61 34.18
CA LEU A 83 24.07 -5.72 33.21
C LEU A 83 23.06 -4.86 33.95
N CYS A 84 22.67 -5.30 35.15
CA CYS A 84 21.40 -4.93 35.81
C CYS A 84 21.65 -4.66 37.30
N ALA A 85 22.18 -3.47 37.63
CA ALA A 85 22.60 -3.09 39.00
C ALA A 85 22.59 -1.57 39.15
N ASN A 86 22.50 -1.06 40.37
CA ASN A 86 22.47 0.41 40.68
C ASN A 86 21.11 0.99 40.26
N GLY A 87 20.01 0.27 40.52
CA GLY A 87 18.63 0.68 40.17
C GLY A 87 18.48 1.02 38.68
N GLN A 88 19.39 0.50 37.86
CA GLN A 88 19.51 0.81 36.41
C GLN A 88 19.95 -0.44 35.64
N VAL A 89 19.53 -0.56 34.38
CA VAL A 89 20.03 -1.61 33.43
C VAL A 89 21.07 -0.95 32.53
N PHE A 90 22.10 -1.70 32.14
CA PHE A 90 23.26 -1.15 31.41
C PHE A 90 22.97 -1.02 29.90
N GLY A 91 23.35 0.13 29.33
CA GLY A 91 23.40 0.47 27.88
C GLY A 91 23.82 1.91 27.66
N LEU A 92 23.84 2.41 26.42
CA LEU A 92 24.27 3.81 26.10
C LEU A 92 23.41 4.80 26.89
N TYR A 93 23.91 6.03 27.03
CA TYR A 93 23.20 7.23 27.53
C TYR A 93 22.76 7.04 28.99
N LYS A 94 23.61 6.38 29.78
CA LYS A 94 23.37 5.98 31.21
C LYS A 94 23.33 7.21 32.13
N ASN A 95 24.05 8.28 31.75
CA ASN A 95 24.21 9.54 32.55
C ASN A 95 22.97 10.45 32.36
N THR A 96 22.34 10.43 31.19
CA THR A 96 21.05 11.11 30.86
C THR A 96 19.87 10.12 31.00
N CYS A 97 19.12 10.23 32.11
CA CYS A 97 18.14 9.22 32.58
C CYS A 97 17.43 9.78 33.82
N VAL A 98 16.12 10.03 33.75
CA VAL A 98 15.32 10.71 34.83
C VAL A 98 14.49 9.72 35.66
N GLY A 99 13.85 8.72 35.03
CA GLY A 99 12.99 7.69 35.68
C GLY A 99 11.55 8.15 35.87
N SER A 100 10.79 7.54 36.79
CA SER A 100 9.42 7.97 37.18
C SER A 100 9.10 7.55 38.63
N ASP A 101 8.23 8.30 39.31
CA ASP A 101 7.81 8.03 40.72
C ASP A 101 7.08 6.68 40.81
N ASN A 102 6.10 6.45 39.92
CA ASN A 102 5.39 5.15 39.68
C ASN A 102 5.57 4.73 38.21
N VAL A 103 5.83 3.44 37.98
CA VAL A 103 5.89 2.76 36.64
C VAL A 103 4.68 1.83 36.54
N THR A 104 3.79 1.90 37.54
CA THR A 104 2.64 0.98 37.74
C THR A 104 1.83 0.89 36.43
N ASP A 105 1.44 2.02 35.84
CA ASP A 105 0.53 2.12 34.66
C ASP A 105 1.18 1.45 33.45
N PHE A 106 2.45 1.72 33.19
CA PHE A 106 3.18 1.16 32.03
C PHE A 106 3.31 -0.36 32.17
N ASN A 107 3.43 -0.87 33.40
CA ASN A 107 3.55 -2.32 33.68
C ASN A 107 2.19 -2.94 33.34
N ALA A 108 1.11 -2.41 33.93
CA ALA A 108 -0.25 -2.92 33.70
C ALA A 108 -0.48 -2.99 32.18
N ILE A 109 -0.05 -1.96 31.44
CA ILE A 109 -0.36 -1.86 29.99
C ILE A 109 0.46 -2.94 29.29
N ALA A 110 1.71 -3.11 29.70
CA ALA A 110 2.68 -4.04 29.09
C ALA A 110 2.29 -5.50 29.37
N THR A 111 1.55 -5.77 30.44
CA THR A 111 1.33 -7.14 30.96
C THR A 111 -0.14 -7.57 30.86
N CYS A 112 -1.10 -6.65 30.69
CA CYS A 112 -2.54 -7.00 30.65
C CYS A 112 -2.85 -7.77 29.36
N ASP A 113 -3.86 -8.62 29.37
CA ASP A 113 -4.30 -9.42 28.20
C ASP A 113 -5.53 -8.78 27.51
N TRP A 114 -5.95 -7.59 27.94
CA TRP A 114 -7.00 -6.76 27.27
C TRP A 114 -8.37 -7.47 27.30
N THR A 115 -8.63 -8.35 28.27
CA THR A 115 -9.92 -9.07 28.43
C THR A 115 -10.80 -8.29 29.41
N ASN A 116 -10.20 -7.46 30.28
CA ASN A 116 -10.91 -6.72 31.34
C ASN A 116 -11.12 -5.26 30.90
N ALA A 117 -12.28 -4.69 31.23
CA ALA A 117 -12.66 -3.31 30.88
C ALA A 117 -11.60 -2.34 31.42
N GLY A 118 -11.10 -2.61 32.62
CA GLY A 118 -10.14 -1.74 33.33
C GLY A 118 -8.87 -1.56 32.53
N ASP A 119 -8.61 -2.48 31.60
CA ASP A 119 -7.41 -2.43 30.74
C ASP A 119 -7.58 -1.25 29.77
N TYR A 120 -8.78 -1.07 29.20
CA TYR A 120 -9.12 -0.06 28.16
C TYR A 120 -9.30 1.29 28.85
N ILE A 121 -9.76 1.27 30.09
CA ILE A 121 -9.97 2.47 30.93
C ILE A 121 -8.60 3.13 31.14
N LEU A 122 -7.60 2.30 31.42
CA LEU A 122 -6.25 2.76 31.79
C LEU A 122 -5.60 3.30 30.53
N ALA A 123 -5.75 2.60 29.40
CA ALA A 123 -5.17 2.99 28.10
C ALA A 123 -5.73 4.36 27.72
N ASN A 124 -6.83 4.77 28.37
CA ASN A 124 -7.57 5.99 28.02
C ASN A 124 -7.36 7.10 29.06
N THR A 125 -6.91 6.79 30.28
CA THR A 125 -6.71 7.80 31.34
C THR A 125 -5.23 7.94 31.67
N CYS A 126 -4.36 7.06 31.17
CA CYS A 126 -2.90 7.12 31.41
C CYS A 126 -2.38 8.41 30.76
N THR A 127 -1.10 8.69 30.88
CA THR A 127 -0.45 9.85 30.21
C THR A 127 -0.60 9.60 28.72
N GLU A 128 -0.37 10.63 27.89
CA GLU A 128 -0.61 10.58 26.43
C GLU A 128 0.37 9.60 25.80
N ARG A 129 1.64 9.69 26.15
CA ARG A 129 2.68 8.79 25.58
C ARG A 129 2.31 7.32 25.85
N LEU A 130 1.61 7.05 26.95
CA LEU A 130 1.20 5.68 27.36
C LEU A 130 -0.10 5.27 26.64
N LYS A 131 -0.98 6.25 26.35
CA LYS A 131 -2.11 6.05 25.41
C LYS A 131 -1.60 5.51 24.07
N LEU A 132 -0.49 6.01 23.54
CA LEU A 132 0.05 5.49 22.24
C LEU A 132 0.59 4.06 22.45
N PHE A 133 1.54 3.89 23.37
CA PHE A 133 2.05 2.57 23.78
C PHE A 133 0.87 1.62 23.92
N ALA A 134 -0.17 1.93 24.74
CA ALA A 134 -1.30 0.99 25.01
C ALA A 134 -2.02 0.64 23.71
N ALA A 135 -2.21 1.65 22.86
CA ALA A 135 -2.93 1.59 21.58
C ALA A 135 -2.20 0.63 20.63
N GLU A 136 -0.89 0.77 20.51
CA GLU A 136 -0.04 -0.19 19.75
C GLU A 136 -0.12 -1.60 20.36
N THR A 137 0.15 -1.68 21.67
CA THR A 137 0.20 -2.95 22.43
C THR A 137 -1.13 -3.66 22.20
N LEU A 138 -2.25 -2.92 22.30
CA LEU A 138 -3.61 -3.52 22.23
C LEU A 138 -3.86 -4.01 20.81
N LYS A 139 -3.45 -3.24 19.81
CA LYS A 139 -3.80 -3.56 18.42
C LYS A 139 -2.96 -4.76 17.98
N ALA A 140 -1.68 -4.75 18.33
CA ALA A 140 -0.74 -5.88 18.11
C ALA A 140 -1.31 -7.15 18.77
N THR A 141 -1.79 -7.07 20.01
CA THR A 141 -2.40 -8.22 20.74
C THR A 141 -3.60 -8.70 19.93
N GLU A 142 -4.43 -7.74 19.51
CA GLU A 142 -5.66 -8.00 18.73
C GLU A 142 -5.30 -8.78 17.46
N GLU A 143 -4.26 -8.39 16.72
CA GLU A 143 -3.88 -8.98 15.39
C GLU A 143 -3.19 -10.34 15.56
N THR A 144 -2.61 -10.63 16.73
CA THR A 144 -1.95 -11.91 17.08
C THR A 144 -2.99 -12.93 17.52
N PHE A 145 -4.06 -12.46 18.17
CA PHE A 145 -5.22 -13.28 18.57
C PHE A 145 -5.95 -13.84 17.34
N LYS A 146 -5.76 -13.22 16.18
CA LYS A 146 -6.39 -13.69 14.91
C LYS A 146 -5.63 -14.89 14.33
N LEU A 147 -4.34 -15.02 14.64
CA LEU A 147 -3.47 -16.18 14.30
C LEU A 147 -3.81 -17.39 15.18
N SER A 148 -4.35 -17.18 16.39
CA SER A 148 -4.71 -18.29 17.31
C SER A 148 -5.85 -19.10 16.67
N TYR A 149 -6.53 -18.54 15.67
CA TYR A 149 -7.74 -19.15 15.05
C TYR A 149 -7.31 -20.21 14.03
N GLY A 150 -8.05 -21.32 14.01
CA GLY A 150 -7.80 -22.43 13.09
C GLY A 150 -8.20 -22.05 11.68
N ILE A 151 -7.42 -22.50 10.69
CA ILE A 151 -7.73 -22.37 9.24
C ILE A 151 -9.04 -23.10 9.00
N ALA A 152 -9.99 -22.50 8.26
CA ALA A 152 -11.17 -23.17 7.70
C ALA A 152 -10.87 -23.55 6.25
N THR A 153 -11.21 -24.76 5.85
CA THR A 153 -10.97 -25.30 4.48
C THR A 153 -12.30 -25.77 3.89
N VAL A 154 -12.51 -25.46 2.61
CA VAL A 154 -13.65 -25.91 1.77
C VAL A 154 -13.56 -27.43 1.56
N ARG A 155 -14.42 -28.19 2.22
CA ARG A 155 -14.45 -29.67 2.14
C ARG A 155 -15.51 -30.09 1.11
N GLU A 156 -16.54 -29.28 0.90
CA GLU A 156 -17.65 -29.54 -0.07
C GLU A 156 -18.25 -28.20 -0.48
N VAL A 157 -18.70 -28.06 -1.73
CA VAL A 157 -19.41 -26.83 -2.21
C VAL A 157 -20.90 -27.18 -2.42
N LEU A 158 -21.68 -27.24 -1.34
CA LEU A 158 -23.08 -27.76 -1.33
C LEU A 158 -23.93 -27.06 -2.39
N SER A 159 -23.71 -25.77 -2.62
CA SER A 159 -24.40 -24.96 -3.65
C SER A 159 -23.52 -23.76 -4.03
N ASP A 160 -24.14 -22.68 -4.51
CA ASP A 160 -23.57 -21.31 -4.50
C ASP A 160 -24.02 -20.65 -3.19
N ARG A 161 -23.30 -19.63 -2.71
CA ARG A 161 -23.60 -18.88 -1.47
C ARG A 161 -23.55 -19.80 -0.22
N GLU A 162 -23.40 -21.12 -0.36
CA GLU A 162 -23.40 -22.09 0.78
C GLU A 162 -22.26 -23.12 0.64
N LEU A 163 -21.57 -23.40 1.76
CA LEU A 163 -20.32 -24.22 1.85
C LEU A 163 -20.38 -25.21 3.02
N HIS A 164 -19.53 -26.23 2.95
CA HIS A 164 -19.15 -27.17 4.04
C HIS A 164 -17.67 -26.91 4.38
N LEU A 165 -17.38 -26.53 5.62
CA LEU A 165 -15.98 -26.21 6.04
C LEU A 165 -15.43 -27.32 6.94
N SER A 166 -14.15 -27.58 6.78
CA SER A 166 -13.33 -28.47 7.63
C SER A 166 -12.34 -27.58 8.40
N TRP A 167 -12.17 -27.81 9.70
CA TRP A 167 -11.51 -26.85 10.62
C TRP A 167 -10.26 -27.45 11.26
N GLU A 168 -9.13 -26.76 11.09
CA GLU A 168 -7.80 -27.08 11.68
C GLU A 168 -7.97 -27.58 13.12
N VAL A 169 -7.34 -28.70 13.45
CA VAL A 169 -7.43 -29.38 14.77
C VAL A 169 -6.52 -28.67 15.77
N GLY A 170 -6.94 -28.61 17.03
CA GLY A 170 -6.13 -28.11 18.15
C GLY A 170 -5.99 -26.59 18.11
N LYS A 171 -6.93 -25.90 17.46
CA LYS A 171 -7.02 -24.43 17.43
C LYS A 171 -8.49 -24.03 17.52
N PRO A 172 -8.83 -22.94 18.21
CA PRO A 172 -10.22 -22.47 18.22
C PRO A 172 -10.65 -22.01 16.81
N ARG A 173 -11.97 -22.01 16.59
CA ARG A 173 -12.62 -21.46 15.38
C ARG A 173 -13.19 -20.09 15.73
N PRO A 174 -13.03 -19.07 14.86
CA PRO A 174 -13.56 -17.74 15.13
C PRO A 174 -15.09 -17.75 15.12
N PRO A 175 -15.76 -16.86 15.87
CA PRO A 175 -17.19 -16.62 15.70
C PRO A 175 -17.54 -16.32 14.23
N LEU A 176 -18.65 -16.86 13.74
CA LEU A 176 -19.11 -16.70 12.34
C LEU A 176 -20.17 -15.60 12.28
N ASN A 177 -19.74 -14.34 12.46
CA ASN A 177 -20.54 -13.10 12.23
C ASN A 177 -19.67 -12.09 11.47
N ARG A 178 -20.24 -10.95 11.08
CA ARG A 178 -19.64 -9.97 10.13
C ARG A 178 -18.35 -9.40 10.74
N ASN A 179 -18.29 -9.26 12.08
CA ASN A 179 -17.13 -8.71 12.83
C ASN A 179 -15.86 -9.56 12.57
N TYR A 180 -16.00 -10.73 11.96
CA TYR A 180 -14.85 -11.58 11.53
C TYR A 180 -14.89 -11.71 10.00
N VAL A 181 -13.92 -11.06 9.33
CA VAL A 181 -13.78 -11.01 7.84
C VAL A 181 -12.61 -11.91 7.44
N PHE A 182 -12.88 -12.97 6.68
CA PHE A 182 -11.88 -13.99 6.27
C PHE A 182 -11.20 -13.52 4.99
N THR A 183 -10.17 -14.23 4.59
CA THR A 183 -9.53 -14.11 3.26
C THR A 183 -9.31 -15.51 2.71
N GLY A 184 -10.00 -15.84 1.63
CA GLY A 184 -9.81 -17.11 0.91
C GLY A 184 -8.48 -17.12 0.21
N TYR A 185 -8.08 -18.31 -0.28
CA TYR A 185 -6.77 -18.61 -0.88
C TYR A 185 -6.91 -19.90 -1.73
N ARG A 186 -6.29 -19.94 -2.92
CA ARG A 186 -6.32 -21.10 -3.86
C ARG A 186 -4.95 -21.80 -3.85
N VAL A 187 -4.95 -23.13 -3.90
CA VAL A 187 -3.81 -24.02 -3.56
C VAL A 187 -2.91 -24.19 -4.79
N THR A 188 -1.76 -23.48 -4.86
CA THR A 188 -0.95 -23.35 -6.10
C THR A 188 0.25 -24.31 -6.08
N LYS A 189 1.01 -24.31 -7.18
CA LYS A 189 2.27 -25.08 -7.38
C LYS A 189 3.08 -25.11 -6.08
N ASN A 190 3.60 -23.96 -5.64
CA ASN A 190 4.57 -23.85 -4.52
C ASN A 190 4.19 -22.67 -3.60
N SER A 191 2.95 -22.15 -3.68
CA SER A 191 2.42 -21.11 -2.77
C SER A 191 0.89 -21.00 -2.86
N LYS A 192 0.35 -19.81 -2.51
CA LYS A 192 -1.10 -19.50 -2.33
C LYS A 192 -1.33 -18.08 -2.86
N VAL A 193 -2.46 -17.80 -3.51
CA VAL A 193 -2.82 -16.40 -3.89
C VAL A 193 -4.20 -16.04 -3.35
N GLN A 194 -4.37 -14.78 -2.93
CA GLN A 194 -5.64 -14.24 -2.37
C GLN A 194 -6.76 -14.44 -3.41
N ILE A 195 -8.00 -14.47 -2.94
CA ILE A 195 -9.21 -14.73 -3.76
C ILE A 195 -10.39 -13.96 -3.14
N GLY A 196 -10.15 -12.72 -2.72
CA GLY A 196 -11.14 -11.82 -2.10
C GLY A 196 -11.26 -12.04 -0.60
N GLU A 197 -11.79 -11.06 0.14
CA GLU A 197 -12.19 -11.20 1.56
C GLU A 197 -13.61 -11.80 1.60
N TYR A 198 -14.01 -12.38 2.74
CA TYR A 198 -15.27 -13.16 2.90
C TYR A 198 -15.79 -13.02 4.34
N THR A 199 -17.07 -13.33 4.52
CA THR A 199 -17.71 -13.53 5.85
C THR A 199 -18.56 -14.79 5.78
N PHE A 200 -18.97 -15.31 6.94
CA PHE A 200 -19.69 -16.60 7.08
C PHE A 200 -20.77 -16.46 8.16
N GLU A 201 -21.82 -17.27 8.02
CA GLU A 201 -22.94 -17.40 8.98
C GLU A 201 -23.44 -18.85 8.91
N LYS A 202 -23.83 -19.43 10.05
CA LYS A 202 -24.27 -20.85 10.19
C LYS A 202 -25.33 -21.16 9.11
N GLY A 203 -25.39 -22.41 8.65
CA GLY A 203 -26.37 -22.91 7.66
C GLY A 203 -27.60 -23.48 8.33
N ALA A 208 -22.83 -27.05 7.55
CA ALA A 208 -22.87 -26.08 6.43
C ALA A 208 -22.72 -24.63 6.94
N VAL A 209 -22.34 -23.70 6.06
CA VAL A 209 -22.16 -22.26 6.38
C VAL A 209 -22.56 -21.40 5.17
N VAL A 210 -23.21 -20.25 5.41
CA VAL A 210 -23.59 -19.22 4.40
C VAL A 210 -22.42 -18.23 4.28
N TYR A 211 -21.95 -17.94 3.06
CA TYR A 211 -20.75 -17.09 2.83
C TYR A 211 -21.11 -15.92 1.90
N ARG A 212 -20.83 -14.69 2.34
CA ARG A 212 -21.09 -13.41 1.60
C ARG A 212 -19.74 -12.76 1.25
N GLY A 213 -19.17 -13.09 0.09
CA GLY A 213 -17.78 -12.74 -0.27
C GLY A 213 -17.66 -11.41 -0.98
N THR A 214 -16.50 -10.74 -0.84
CA THR A 214 -16.10 -9.43 -1.45
C THR A 214 -16.25 -9.50 -2.98
N THR A 215 -15.86 -10.62 -3.59
CA THR A 215 -16.07 -10.90 -5.03
C THR A 215 -16.86 -12.21 -5.18
N THR A 216 -17.40 -12.47 -6.38
CA THR A 216 -17.97 -13.78 -6.80
C THR A 216 -16.85 -14.64 -7.41
N TYR A 217 -16.99 -15.96 -7.30
CA TYR A 217 -16.06 -16.99 -7.86
C TYR A 217 -16.81 -18.30 -8.05
N LYS A 218 -16.15 -19.28 -8.65
CA LYS A 218 -16.54 -20.71 -8.64
C LYS A 218 -15.57 -21.43 -7.70
N LEU A 219 -15.46 -20.96 -6.45
CA LEU A 219 -14.50 -21.52 -5.46
C LEU A 219 -14.83 -23.01 -5.24
N ASN A 220 -13.79 -23.82 -5.12
CA ASN A 220 -13.85 -25.31 -5.10
C ASN A 220 -13.12 -25.80 -3.86
N VAL A 221 -13.20 -27.11 -3.61
CA VAL A 221 -12.56 -27.82 -2.46
C VAL A 221 -11.06 -27.46 -2.38
N GLY A 222 -10.50 -27.47 -1.17
CA GLY A 222 -9.07 -27.21 -0.90
C GLY A 222 -8.79 -25.73 -0.74
N ASP A 223 -9.66 -24.86 -1.25
CA ASP A 223 -9.65 -23.41 -0.93
C ASP A 223 -9.87 -23.29 0.59
N TYR A 224 -9.14 -22.38 1.25
CA TYR A 224 -9.17 -22.22 2.72
C TYR A 224 -9.21 -20.74 3.05
N PHE A 225 -9.42 -20.42 4.34
CA PHE A 225 -9.76 -19.06 4.83
C PHE A 225 -9.07 -18.74 6.16
N VAL A 226 -8.44 -17.58 6.22
CA VAL A 226 -7.83 -17.05 7.47
C VAL A 226 -8.23 -15.58 7.59
N LEU A 227 -8.58 -15.17 8.80
CA LEU A 227 -8.70 -13.74 9.17
C LEU A 227 -7.36 -13.08 8.85
N THR A 228 -7.25 -12.27 7.80
CA THR A 228 -5.96 -11.60 7.45
C THR A 228 -5.68 -10.58 8.56
N SER A 229 -4.52 -10.70 9.21
CA SER A 229 -3.93 -9.74 10.18
C SER A 229 -2.82 -8.94 9.48
N HIS A 230 -2.60 -7.69 9.90
CA HIS A 230 -1.56 -6.81 9.31
C HIS A 230 -0.55 -6.40 10.40
N THR A 231 0.67 -6.05 9.94
CA THR A 231 1.69 -5.28 10.72
C THR A 231 1.00 -4.06 11.33
N VAL A 232 1.17 -3.85 12.64
CA VAL A 232 0.82 -2.61 13.36
C VAL A 232 2.07 -1.72 13.42
N MET A 233 2.02 -0.53 12.84
CA MET A 233 3.18 0.40 12.84
C MET A 233 3.25 1.11 14.19
N PRO A 234 4.45 1.56 14.64
CA PRO A 234 4.58 2.31 15.88
C PRO A 234 3.93 3.70 15.73
N LEU A 235 3.40 4.22 16.84
CA LEU A 235 2.64 5.50 16.86
C LEU A 235 3.61 6.60 17.29
N SER A 236 3.51 7.79 16.71
CA SER A 236 4.33 8.97 17.06
C SER A 236 3.44 10.10 17.58
N ALA A 237 2.45 10.52 16.79
CA ALA A 237 1.54 11.65 17.06
C ALA A 237 0.62 11.38 18.25
N PRO A 238 0.21 12.42 19.02
CA PRO A 238 -0.76 12.22 20.10
C PRO A 238 -2.15 11.90 19.57
N THR A 239 -3.07 11.51 20.43
CA THR A 239 -4.46 11.18 20.03
C THR A 239 -5.23 12.48 19.75
N LEU A 240 -4.91 13.54 20.48
CA LEU A 240 -5.37 14.93 20.27
C LEU A 240 -4.18 15.89 20.29
N VAL A 241 -4.14 16.83 19.34
CA VAL A 241 -3.11 17.91 19.35
C VAL A 241 -3.45 18.77 20.54
N PRO A 242 -2.52 19.61 21.01
CA PRO A 242 -2.81 20.58 22.08
C PRO A 242 -3.95 21.52 21.64
N GLN A 243 -5.00 21.66 22.45
CA GLN A 243 -6.10 22.57 22.09
C GLN A 243 -5.58 24.02 22.07
N GLU A 244 -6.14 24.82 21.17
CA GLU A 244 -5.93 26.28 21.13
C GLU A 244 -7.28 26.96 20.89
N HIS A 245 -7.59 28.02 21.63
CA HIS A 245 -8.77 28.89 21.41
C HIS A 245 -8.28 30.20 20.78
N TYR A 246 -8.97 30.64 19.76
CA TYR A 246 -8.63 31.88 19.02
C TYR A 246 -9.73 32.88 19.32
N VAL A 247 -9.48 34.12 18.96
CA VAL A 247 -10.38 35.27 19.28
C VAL A 247 -11.04 35.76 17.97
N ARG A 248 -10.50 35.32 16.83
CA ARG A 248 -11.06 35.46 15.45
C ARG A 248 -10.92 34.12 14.71
N ILE A 249 -11.84 33.82 13.80
CA ILE A 249 -11.70 32.69 12.84
C ILE A 249 -10.29 32.79 12.26
N THR A 250 -9.57 31.68 12.10
CA THR A 250 -8.13 31.62 11.72
C THR A 250 -7.94 30.77 10.47
N GLY A 251 -7.31 31.35 9.43
CA GLY A 251 -6.84 30.61 8.24
C GLY A 251 -7.99 30.12 7.37
N LEU A 252 -9.19 30.66 7.63
CA LEU A 252 -10.46 30.30 6.96
C LEU A 252 -11.21 31.59 6.65
N TYR A 253 -11.83 31.70 5.47
CA TYR A 253 -12.54 32.91 4.99
C TYR A 253 -14.01 32.55 4.74
N PRO A 254 -14.94 32.91 5.65
CA PRO A 254 -16.33 32.51 5.54
C PRO A 254 -16.93 33.11 4.28
N THR A 255 -17.95 32.46 3.74
CA THR A 255 -18.67 32.92 2.53
C THR A 255 -19.51 34.14 2.92
N LEU A 256 -19.87 34.99 1.96
CA LEU A 256 -20.78 36.13 2.23
C LEU A 256 -22.23 35.69 2.01
N ASN A 257 -22.45 34.77 1.05
CA ASN A 257 -23.78 34.23 0.69
C ASN A 257 -23.79 32.75 1.08
N ILE A 258 -24.70 32.34 1.96
CA ILE A 258 -24.94 30.90 2.34
C ILE A 258 -26.42 30.55 2.15
N SER A 259 -26.73 29.29 1.88
CA SER A 259 -28.12 28.88 1.59
C SER A 259 -28.82 28.57 2.91
N ASP A 260 -30.13 28.65 2.93
CA ASP A 260 -30.93 28.40 4.16
C ASP A 260 -30.84 26.92 4.57
N GLU A 261 -30.36 26.07 3.67
CA GLU A 261 -30.06 24.62 3.92
C GLU A 261 -29.02 24.43 5.04
N PHE A 262 -28.04 25.34 5.15
CA PHE A 262 -26.86 25.24 6.04
C PHE A 262 -26.79 26.38 7.05
N SER A 263 -27.75 27.32 7.01
CA SER A 263 -27.82 28.52 7.87
C SER A 263 -27.86 28.14 9.36
N SER A 264 -28.48 27.02 9.73
CA SER A 264 -28.54 26.56 11.15
C SER A 264 -27.17 26.18 11.70
N ASN A 265 -26.14 25.96 10.86
CA ASN A 265 -24.81 25.51 11.30
C ASN A 265 -23.76 26.65 11.27
N VAL A 266 -24.16 27.88 10.91
CA VAL A 266 -23.23 29.03 10.70
C VAL A 266 -22.52 29.37 12.03
N ALA A 267 -23.26 29.47 13.15
CA ALA A 267 -22.66 29.67 14.49
C ALA A 267 -21.59 28.58 14.72
N ASN A 268 -21.94 27.31 14.48
CA ASN A 268 -21.03 26.16 14.72
C ASN A 268 -19.81 26.23 13.79
N TYR A 269 -20.01 26.52 12.52
CA TYR A 269 -18.90 26.61 11.53
C TYR A 269 -17.93 27.68 11.98
N GLN A 270 -18.41 28.69 12.71
CA GLN A 270 -17.56 29.82 13.18
C GLN A 270 -16.73 29.30 14.35
N LYS A 271 -17.38 28.61 15.29
CA LYS A 271 -16.68 27.91 16.39
C LYS A 271 -15.53 27.06 15.82
N VAL A 272 -15.82 26.25 14.80
CA VAL A 272 -14.80 25.39 14.15
C VAL A 272 -13.56 26.22 13.81
N GLY A 273 -13.75 27.49 13.44
CA GLY A 273 -12.67 28.37 12.96
C GLY A 273 -11.95 29.06 14.11
N MET A 274 -12.55 29.04 15.29
CA MET A 274 -12.05 29.75 16.49
C MET A 274 -11.41 28.80 17.51
N GLN A 275 -11.23 27.52 17.21
CA GLN A 275 -10.44 26.61 18.07
C GLN A 275 -9.68 25.64 17.17
N LYS A 276 -8.64 25.01 17.71
CA LYS A 276 -7.73 24.14 16.93
C LYS A 276 -8.49 22.85 16.56
N TYR A 277 -9.28 22.35 17.48
CA TYR A 277 -10.08 21.14 17.23
C TYR A 277 -11.39 21.37 17.95
N SER A 278 -12.45 20.80 17.39
CA SER A 278 -13.82 20.93 17.94
C SER A 278 -14.51 19.59 17.75
N THR A 279 -15.40 19.29 18.68
CA THR A 279 -16.16 18.04 18.76
C THR A 279 -17.62 18.38 18.45
N LEU A 280 -18.22 17.65 17.51
CA LEU A 280 -19.66 17.75 17.19
C LEU A 280 -20.33 16.43 17.59
N GLN A 281 -21.21 16.46 18.58
CA GLN A 281 -22.09 15.30 18.90
C GLN A 281 -23.31 15.40 17.99
N GLY A 282 -23.45 14.46 17.09
CA GLY A 282 -24.63 14.36 16.19
C GLY A 282 -25.42 13.09 16.48
N PRO A 283 -26.49 13.19 17.29
CA PRO A 283 -27.43 12.08 17.47
C PRO A 283 -27.97 11.56 16.16
N PRO A 284 -28.75 10.47 16.18
CA PRO A 284 -29.29 9.90 14.95
C PRO A 284 -30.13 10.92 14.20
N GLY A 285 -29.84 11.10 12.91
CA GLY A 285 -30.67 11.88 11.95
C GLY A 285 -30.73 13.36 12.28
N THR A 286 -29.69 13.88 12.92
CA THR A 286 -29.59 15.31 13.30
C THR A 286 -28.78 16.06 12.24
N GLY A 287 -28.09 15.39 11.33
CA GLY A 287 -27.49 16.05 10.15
C GLY A 287 -25.97 16.17 10.22
N LYS A 288 -25.28 15.09 10.53
CA LYS A 288 -23.81 15.13 10.67
C LYS A 288 -23.14 15.37 9.31
N SER A 289 -23.51 14.62 8.28
CA SER A 289 -22.82 14.69 6.96
C SER A 289 -23.26 16.00 6.29
N HIS A 290 -24.49 16.42 6.52
CA HIS A 290 -24.97 17.76 6.08
C HIS A 290 -24.03 18.80 6.68
N PHE A 291 -23.75 18.69 7.98
CA PHE A 291 -22.81 19.58 8.72
C PHE A 291 -21.44 19.57 8.04
N ALA A 292 -20.87 18.39 7.85
CA ALA A 292 -19.51 18.19 7.32
C ALA A 292 -19.36 18.82 5.91
N ILE A 293 -20.35 18.62 5.02
CA ILE A 293 -20.28 19.14 3.62
C ILE A 293 -20.54 20.65 3.68
N GLY A 294 -21.45 21.08 4.54
CA GLY A 294 -21.82 22.50 4.68
C GLY A 294 -20.63 23.37 5.07
N LEU A 295 -19.72 22.81 5.86
CA LEU A 295 -18.46 23.47 6.27
C LEU A 295 -17.66 23.89 5.02
N ALA A 296 -17.70 23.08 3.96
CA ALA A 296 -16.95 23.33 2.72
C ALA A 296 -17.49 24.58 2.05
N LEU A 297 -18.81 24.71 2.06
CA LEU A 297 -19.56 25.80 1.41
C LEU A 297 -19.40 27.07 2.25
N TYR A 298 -19.41 26.90 3.57
CA TYR A 298 -19.19 28.01 4.52
C TYR A 298 -17.75 28.50 4.39
N TYR A 299 -16.75 27.64 4.15
CA TYR A 299 -15.34 28.07 3.90
C TYR A 299 -14.88 27.65 2.50
N PRO A 300 -15.41 28.28 1.41
CA PRO A 300 -15.32 27.70 0.06
C PRO A 300 -13.90 27.41 -0.41
N SER A 301 -12.93 28.25 -0.03
CA SER A 301 -11.53 28.18 -0.53
C SER A 301 -10.70 27.19 0.32
N ALA A 302 -11.27 26.71 1.42
CA ALA A 302 -10.56 25.82 2.39
C ALA A 302 -10.31 24.46 1.74
N ARG A 303 -9.10 23.91 1.93
CA ARG A 303 -8.78 22.49 1.62
C ARG A 303 -9.26 21.65 2.81
N ILE A 304 -10.12 20.67 2.53
CA ILE A 304 -10.74 19.80 3.55
C ILE A 304 -10.46 18.37 3.15
N VAL A 305 -9.85 17.64 4.09
CA VAL A 305 -9.68 16.16 4.06
C VAL A 305 -10.79 15.57 4.94
N TYR A 306 -11.75 14.90 4.32
CA TYR A 306 -12.79 14.08 4.99
C TYR A 306 -12.22 12.67 5.19
N THR A 307 -12.25 12.22 6.44
CA THR A 307 -11.72 10.91 6.86
C THR A 307 -12.70 10.27 7.82
N ALA A 308 -12.64 8.94 7.89
CA ALA A 308 -13.35 8.06 8.85
C ALA A 308 -12.68 6.68 8.82
N CYS A 309 -13.00 5.83 9.77
CA CYS A 309 -12.35 4.50 9.86
C CYS A 309 -12.82 3.67 8.68
N SER A 310 -14.13 3.64 8.43
CA SER A 310 -14.78 2.71 7.47
C SER A 310 -14.87 3.35 6.08
N HIS A 311 -14.67 2.53 5.05
CA HIS A 311 -15.04 2.86 3.65
C HIS A 311 -16.48 3.39 3.59
N ALA A 312 -17.41 2.71 4.26
CA ALA A 312 -18.85 3.08 4.25
C ALA A 312 -18.95 4.54 4.70
N ALA A 313 -18.29 4.89 5.81
CA ALA A 313 -18.45 6.23 6.41
C ALA A 313 -17.89 7.27 5.43
N VAL A 314 -16.75 6.98 4.83
CA VAL A 314 -16.12 7.93 3.87
C VAL A 314 -17.04 8.03 2.66
N ASP A 315 -17.59 6.89 2.20
CA ASP A 315 -18.45 6.85 0.99
C ASP A 315 -19.68 7.74 1.23
N ALA A 316 -20.33 7.59 2.37
CA ALA A 316 -21.50 8.41 2.77
C ALA A 316 -21.13 9.90 2.72
N LEU A 317 -19.96 10.29 3.23
CA LEU A 317 -19.50 11.70 3.06
C LEU A 317 -19.40 12.02 1.56
N CYS A 318 -18.87 11.12 0.73
CA CYS A 318 -18.74 11.31 -0.74
C CYS A 318 -20.13 11.49 -1.34
N GLU A 319 -21.12 10.69 -0.92
CA GLU A 319 -22.46 10.75 -1.52
C GLU A 319 -22.99 12.17 -1.29
N LYS A 320 -22.96 12.62 -0.05
CA LYS A 320 -23.39 13.99 0.29
C LYS A 320 -22.55 15.00 -0.50
N ALA A 321 -21.23 14.82 -0.60
CA ALA A 321 -20.37 15.80 -1.29
C ALA A 321 -20.84 15.89 -2.74
N LEU A 322 -21.20 14.75 -3.33
CA LEU A 322 -21.60 14.62 -4.75
C LEU A 322 -22.80 15.53 -5.01
N LYS A 323 -23.62 15.76 -3.99
CA LYS A 323 -24.87 16.54 -4.06
C LYS A 323 -24.63 18.05 -3.89
N TYR A 324 -23.46 18.52 -3.44
CA TYR A 324 -23.27 19.95 -3.06
C TYR A 324 -21.93 20.56 -3.49
N LEU A 325 -20.87 19.77 -3.70
CA LEU A 325 -19.51 20.28 -3.98
C LEU A 325 -19.13 19.97 -5.43
N PRO A 326 -18.31 20.82 -6.10
CA PRO A 326 -17.88 20.54 -7.46
C PRO A 326 -17.18 19.18 -7.51
N ILE A 327 -17.62 18.27 -8.38
CA ILE A 327 -17.00 16.93 -8.54
C ILE A 327 -15.51 17.11 -8.90
N ASP A 328 -15.17 18.08 -9.76
CA ASP A 328 -13.80 18.33 -10.27
C ASP A 328 -12.87 18.70 -9.11
N LYS A 329 -13.40 19.02 -7.92
CA LYS A 329 -12.62 19.49 -6.73
C LYS A 329 -12.55 18.37 -5.68
N CYS A 330 -13.17 17.23 -5.93
CA CYS A 330 -13.16 16.04 -5.05
C CYS A 330 -12.21 14.94 -5.55
N SER A 331 -11.56 14.22 -4.64
CA SER A 331 -10.83 12.96 -4.94
C SER A 331 -11.09 11.92 -3.85
N ARG A 332 -11.24 10.66 -4.24
CA ARG A 332 -11.38 9.51 -3.32
C ARG A 332 -10.05 8.76 -3.30
N ILE A 333 -9.35 8.76 -2.16
CA ILE A 333 -8.12 7.94 -1.92
C ILE A 333 -8.56 6.49 -1.66
N ILE A 334 -8.03 5.57 -2.45
CA ILE A 334 -8.18 4.09 -2.37
C ILE A 334 -6.76 3.53 -2.51
N PRO A 335 -6.32 2.66 -1.57
CA PRO A 335 -5.06 1.95 -1.74
C PRO A 335 -5.21 0.85 -2.82
N ALA A 336 -4.12 0.56 -3.54
CA ALA A 336 -4.00 -0.56 -4.53
C ALA A 336 -4.18 -1.90 -3.80
N VAL A 340 -11.84 -4.15 -1.77
CA VAL A 340 -13.25 -3.80 -1.41
C VAL A 340 -13.73 -2.66 -2.32
N GLU A 341 -14.97 -2.75 -2.81
CA GLU A 341 -15.57 -1.77 -3.76
C GLU A 341 -16.13 -0.60 -2.96
N CYS A 342 -15.64 0.60 -3.24
CA CYS A 342 -16.07 1.85 -2.59
C CYS A 342 -16.46 2.86 -3.66
N PHE A 343 -16.96 4.02 -3.23
CA PHE A 343 -17.31 5.18 -4.07
C PHE A 343 -16.33 5.38 -5.23
N ASP A 344 -16.83 5.42 -6.48
CA ASP A 344 -16.01 5.53 -7.73
C ASP A 344 -16.55 6.63 -8.65
N LYS A 345 -16.94 7.77 -8.09
CA LYS A 345 -17.41 8.93 -8.89
C LYS A 345 -16.44 10.12 -8.86
N PHE A 346 -15.41 10.10 -8.01
CA PHE A 346 -14.38 11.16 -7.96
C PHE A 346 -13.14 10.64 -8.65
N LYS A 347 -12.26 11.50 -9.17
CA LYS A 347 -10.92 11.03 -9.60
C LYS A 347 -10.30 10.31 -8.38
N VAL A 348 -9.62 9.19 -8.63
CA VAL A 348 -9.03 8.30 -7.59
C VAL A 348 -7.61 8.78 -7.27
N ASN A 349 -7.25 8.81 -5.98
CA ASN A 349 -5.87 9.00 -5.47
C ASN A 349 -5.28 10.28 -6.05
N SER A 350 -6.01 11.40 -5.95
CA SER A 350 -5.49 12.76 -6.21
C SER A 350 -5.39 13.51 -4.88
N THR A 351 -4.24 13.40 -4.22
CA THR A 351 -3.91 13.96 -2.89
C THR A 351 -4.08 15.48 -2.93
N LEU A 352 -3.69 16.14 -4.04
CA LEU A 352 -3.60 17.63 -4.10
C LEU A 352 -4.96 18.24 -4.50
N GLU A 353 -6.02 17.44 -4.54
CA GLU A 353 -7.39 17.92 -4.83
C GLU A 353 -7.93 18.65 -3.59
N GLN A 354 -8.84 19.62 -3.77
CA GLN A 354 -9.28 20.53 -2.69
C GLN A 354 -10.02 19.76 -1.59
N TYR A 355 -10.82 18.75 -1.98
CA TYR A 355 -11.63 17.91 -1.06
C TYR A 355 -11.19 16.45 -1.19
N VAL A 356 -10.56 15.90 -0.14
CA VAL A 356 -9.99 14.53 -0.13
C VAL A 356 -10.79 13.65 0.82
N PHE A 357 -11.32 12.55 0.31
CA PHE A 357 -12.17 11.57 1.04
C PHE A 357 -11.36 10.28 1.09
N CYS A 358 -11.19 9.70 2.27
CA CYS A 358 -10.10 8.73 2.53
C CYS A 358 -10.26 8.10 3.91
N THR A 359 -10.15 6.78 4.01
CA THR A 359 -10.16 6.09 5.31
C THR A 359 -8.91 6.51 6.07
N VAL A 360 -8.92 6.38 7.40
CA VAL A 360 -7.78 6.67 8.30
C VAL A 360 -6.54 5.92 7.80
N ASN A 361 -6.67 4.62 7.56
CA ASN A 361 -5.50 3.71 7.37
C ASN A 361 -4.90 3.91 5.97
N ALA A 362 -5.53 4.66 5.08
CA ALA A 362 -5.07 4.91 3.69
C ALA A 362 -4.59 6.36 3.50
N LEU A 363 -4.60 7.17 4.56
CA LEU A 363 -4.34 8.64 4.48
C LEU A 363 -2.94 8.87 3.93
N PRO A 364 -2.77 9.86 3.03
CA PRO A 364 -1.45 10.34 2.67
C PRO A 364 -0.89 11.35 3.67
N GLU A 365 0.43 11.49 3.67
CA GLU A 365 1.10 12.55 4.46
C GLU A 365 0.86 13.84 3.70
N THR A 366 0.11 14.77 4.28
CA THR A 366 -0.35 16.01 3.62
C THR A 366 -0.82 16.99 4.69
N THR A 367 -1.03 18.25 4.33
CA THR A 367 -1.62 19.31 5.18
C THR A 367 -3.01 19.65 4.62
N ALA A 368 -3.76 20.50 5.31
CA ALA A 368 -5.13 20.87 4.91
C ALA A 368 -5.60 22.02 5.80
N ASP A 369 -6.60 22.76 5.34
CA ASP A 369 -7.20 23.87 6.11
C ASP A 369 -8.08 23.24 7.18
N ILE A 370 -8.94 22.29 6.83
CA ILE A 370 -9.73 21.53 7.84
C ILE A 370 -9.58 20.02 7.62
N VAL A 371 -9.56 19.26 8.71
CA VAL A 371 -9.76 17.78 8.72
C VAL A 371 -11.06 17.49 9.45
N VAL A 372 -11.99 16.79 8.78
CA VAL A 372 -13.25 16.29 9.40
C VAL A 372 -13.03 14.80 9.59
N PHE A 373 -13.02 14.34 10.83
CA PHE A 373 -12.96 12.90 11.18
C PHE A 373 -14.40 12.54 11.55
N ASP A 374 -15.06 11.73 10.72
CA ASP A 374 -16.50 11.38 10.95
C ASP A 374 -16.59 10.04 11.66
N GLU A 375 -17.79 9.74 12.14
CA GLU A 375 -18.13 8.55 12.94
C GLU A 375 -17.01 8.31 13.96
N ILE A 376 -16.85 9.27 14.88
CA ILE A 376 -15.75 9.31 15.88
C ILE A 376 -15.91 8.22 16.94
N SER A 377 -17.13 7.84 17.34
CA SER A 377 -17.39 6.74 18.32
C SER A 377 -16.74 5.43 17.88
N MET A 378 -16.62 5.17 16.57
CA MET A 378 -16.03 3.91 16.03
C MET A 378 -14.51 3.95 16.11
N ALA A 379 -13.90 5.13 16.21
CA ALA A 379 -12.44 5.29 16.17
C ALA A 379 -11.85 4.76 17.48
N THR A 380 -10.58 4.38 17.38
CA THR A 380 -9.69 3.97 18.48
C THR A 380 -8.62 5.04 18.60
N ASN A 381 -7.91 5.04 19.73
CA ASN A 381 -6.78 5.98 19.97
C ASN A 381 -5.73 5.71 18.90
N TYR A 382 -5.64 4.48 18.40
CA TYR A 382 -4.72 4.13 17.29
C TYR A 382 -5.07 5.01 16.08
N ASP A 383 -6.34 5.06 15.70
CA ASP A 383 -6.82 5.85 14.52
C ASP A 383 -6.56 7.34 14.78
N LEU A 384 -6.88 7.81 15.99
CA LEU A 384 -6.71 9.23 16.37
C LEU A 384 -5.26 9.61 16.10
N SER A 385 -4.32 8.85 16.66
CA SER A 385 -2.88 9.15 16.50
C SER A 385 -2.51 9.18 15.01
N VAL A 386 -2.96 8.18 14.24
CA VAL A 386 -2.59 8.02 12.81
C VAL A 386 -2.98 9.30 12.08
N VAL A 387 -4.17 9.83 12.38
CA VAL A 387 -4.69 11.03 11.66
C VAL A 387 -3.76 12.20 11.93
N ASN A 388 -3.40 12.38 13.20
CA ASN A 388 -2.55 13.51 13.67
C ASN A 388 -1.14 13.33 13.06
N ALA A 389 -0.71 12.09 12.78
CA ALA A 389 0.61 11.80 12.20
C ALA A 389 0.61 12.11 10.70
N ARG A 390 -0.46 11.75 10.00
CA ARG A 390 -0.54 11.83 8.52
C ARG A 390 -0.95 13.26 8.12
N LEU A 391 -1.85 13.91 8.89
CA LEU A 391 -2.54 15.20 8.53
C LEU A 391 -2.16 16.36 9.47
N ARG A 392 -1.34 17.32 9.02
CA ARG A 392 -1.10 18.57 9.78
C ARG A 392 -2.08 19.62 9.23
N ALA A 393 -3.01 20.08 10.07
CA ALA A 393 -4.16 20.92 9.66
C ALA A 393 -4.32 22.14 10.59
N LYS A 394 -4.85 23.25 10.06
CA LYS A 394 -5.25 24.43 10.88
C LYS A 394 -6.35 24.02 11.87
N HIS A 395 -7.32 23.20 11.46
CA HIS A 395 -8.47 22.89 12.34
C HIS A 395 -8.87 21.45 12.14
N TYR A 396 -9.26 20.80 13.24
CA TYR A 396 -9.69 19.38 13.29
C TYR A 396 -11.12 19.42 13.80
N VAL A 397 -12.04 18.79 13.08
CA VAL A 397 -13.45 18.63 13.53
C VAL A 397 -13.70 17.14 13.71
N TYR A 398 -14.17 16.72 14.86
CA TYR A 398 -14.45 15.32 15.18
C TYR A 398 -15.96 15.22 15.36
N ILE A 399 -16.59 14.56 14.40
CA ILE A 399 -18.07 14.41 14.30
C ILE A 399 -18.41 12.97 14.66
N GLY A 400 -19.45 12.77 15.43
CA GLY A 400 -19.86 11.43 15.86
C GLY A 400 -20.88 11.55 16.97
N ASP A 401 -21.02 10.49 17.76
CA ASP A 401 -22.03 10.45 18.85
C ASP A 401 -21.59 9.38 19.84
N PRO A 402 -21.02 9.77 21.00
CA PRO A 402 -20.57 8.79 21.97
C PRO A 402 -21.72 7.98 22.60
N ALA A 403 -22.96 8.22 22.17
CA ALA A 403 -24.14 7.42 22.57
C ALA A 403 -24.41 6.34 21.53
N GLN A 404 -23.59 6.27 20.49
CA GLN A 404 -23.70 5.21 19.46
C GLN A 404 -22.59 4.19 19.71
N LEU A 405 -22.30 3.34 18.73
CA LEU A 405 -21.50 2.12 18.95
C LEU A 405 -20.02 2.43 18.73
N PRO A 406 -19.16 1.85 19.60
CA PRO A 406 -17.71 1.95 19.41
C PRO A 406 -17.23 0.91 18.41
N ALA A 407 -15.95 0.89 18.05
CA ALA A 407 -15.31 -0.27 17.41
C ALA A 407 -15.46 -1.48 18.32
N PRO A 408 -15.73 -2.68 17.78
CA PRO A 408 -15.70 -3.89 18.59
C PRO A 408 -14.31 -4.10 19.23
N ARG A 409 -14.31 -4.50 20.50
CA ARG A 409 -13.10 -4.88 21.26
C ARG A 409 -13.11 -6.41 21.38
N THR A 410 -12.51 -7.07 20.38
CA THR A 410 -12.57 -8.53 20.15
C THR A 410 -12.09 -9.31 21.37
N LEU A 411 -11.22 -8.73 22.21
CA LEU A 411 -10.60 -9.43 23.36
C LEU A 411 -11.40 -9.20 24.64
N LEU A 412 -12.34 -8.26 24.66
CA LEU A 412 -12.95 -7.78 25.93
C LEU A 412 -14.10 -8.72 26.32
N THR A 413 -14.11 -9.22 27.57
CA THR A 413 -15.12 -10.17 28.08
C THR A 413 -15.59 -9.76 29.49
N LYS A 414 -14.67 -9.33 30.36
CA LYS A 414 -14.97 -8.88 31.75
C LYS A 414 -15.16 -7.35 31.72
N GLY A 415 -16.33 -6.88 32.18
CA GLY A 415 -16.69 -5.46 32.28
C GLY A 415 -17.35 -4.98 31.01
N THR A 416 -18.01 -3.82 31.06
CA THR A 416 -18.54 -3.08 29.87
C THR A 416 -17.65 -1.86 29.62
N LEU A 417 -17.46 -1.47 28.37
CA LEU A 417 -16.69 -0.24 28.01
C LEU A 417 -17.64 0.94 27.94
N GLU A 418 -17.56 1.88 28.90
CA GLU A 418 -18.37 3.13 28.89
C GLU A 418 -17.88 4.09 27.80
N PRO A 419 -18.78 4.92 27.23
CA PRO A 419 -18.43 5.82 26.12
C PRO A 419 -17.24 6.75 26.38
N GLU A 420 -17.04 7.16 27.64
CA GLU A 420 -15.89 8.02 28.00
C GLU A 420 -14.56 7.27 27.80
N TYR A 421 -14.57 5.97 27.48
CA TYR A 421 -13.34 5.15 27.29
C TYR A 421 -13.19 4.63 25.84
N PHE A 422 -14.05 5.04 24.90
CA PHE A 422 -14.01 4.59 23.48
C PHE A 422 -12.79 5.20 22.80
N ASN A 423 -12.55 6.50 22.99
CA ASN A 423 -11.28 7.11 22.54
C ASN A 423 -11.11 8.46 23.25
N SER A 424 -9.98 9.14 23.01
CA SER A 424 -9.63 10.47 23.58
C SER A 424 -10.72 11.46 23.22
N VAL A 425 -11.34 11.33 22.03
CA VAL A 425 -12.36 12.32 21.60
C VAL A 425 -13.63 12.07 22.42
N CYS A 426 -14.07 10.83 22.56
CA CYS A 426 -15.34 10.55 23.29
C CYS A 426 -15.11 10.86 24.75
N ARG A 427 -13.87 10.75 25.21
CA ARG A 427 -13.56 11.09 26.62
C ARG A 427 -13.89 12.58 26.85
N LEU A 428 -13.32 13.47 26.04
CA LEU A 428 -13.69 14.91 26.10
C LEU A 428 -15.20 15.07 26.07
N MET A 429 -15.91 14.49 25.11
CA MET A 429 -17.37 14.74 24.93
C MET A 429 -18.16 14.30 26.16
N LYS A 430 -17.72 13.31 26.90
CA LYS A 430 -18.49 12.76 28.05
C LYS A 430 -18.08 13.43 29.37
N THR A 431 -16.92 14.12 29.41
CA THR A 431 -16.38 14.77 30.64
C THR A 431 -16.60 16.29 30.59
N ILE A 432 -16.07 17.02 29.60
CA ILE A 432 -16.29 18.50 29.47
C ILE A 432 -17.50 18.80 28.58
N GLY A 433 -18.09 17.77 27.96
CA GLY A 433 -19.18 17.95 26.98
C GLY A 433 -18.63 18.26 25.58
N PRO A 434 -19.48 18.16 24.53
CA PRO A 434 -19.05 18.45 23.16
C PRO A 434 -19.08 19.93 22.79
N ASP A 435 -18.11 20.38 22.00
CA ASP A 435 -18.10 21.78 21.54
C ASP A 435 -19.42 22.13 20.85
N MET A 436 -19.99 21.22 20.07
CA MET A 436 -21.21 21.54 19.27
C MET A 436 -22.14 20.35 19.35
N PHE A 437 -23.45 20.59 19.28
CA PHE A 437 -24.52 19.58 19.44
C PHE A 437 -25.63 19.79 18.39
N LEU A 438 -25.89 18.79 17.55
CA LEU A 438 -27.08 18.78 16.65
C LEU A 438 -28.30 18.25 17.44
N GLY A 439 -29.20 19.13 17.85
CA GLY A 439 -30.20 18.85 18.90
C GLY A 439 -31.58 18.60 18.33
N THR A 440 -31.74 18.46 17.03
CA THR A 440 -33.06 18.14 16.41
C THR A 440 -32.94 16.92 15.51
N CYS A 441 -33.64 15.85 15.90
CA CYS A 441 -33.72 14.59 15.15
C CYS A 441 -34.82 14.74 14.09
N ARG A 442 -34.48 14.60 12.80
CA ARG A 442 -35.38 14.75 11.62
C ARG A 442 -35.98 13.40 11.22
N ARG A 443 -35.37 12.30 11.64
CA ARG A 443 -35.66 10.94 11.16
C ARG A 443 -36.87 10.36 11.92
N CYS A 444 -36.81 10.38 13.24
CA CYS A 444 -37.58 9.40 14.05
C CYS A 444 -38.90 10.00 14.52
N PRO A 445 -39.97 9.18 14.58
CA PRO A 445 -41.15 9.56 15.33
C PRO A 445 -40.76 10.09 16.72
N ALA A 446 -41.61 10.93 17.28
CA ALA A 446 -41.32 11.66 18.52
C ALA A 446 -41.19 10.65 19.68
N GLU A 447 -41.93 9.53 19.65
CA GLU A 447 -41.94 8.56 20.77
C GLU A 447 -40.52 7.99 20.93
N ILE A 448 -39.81 7.79 19.81
CA ILE A 448 -38.42 7.24 19.78
C ILE A 448 -37.45 8.34 20.21
N VAL A 449 -37.70 9.57 19.79
CA VAL A 449 -36.82 10.73 20.14
C VAL A 449 -36.95 11.00 21.64
N ASP A 450 -38.18 11.05 22.16
CA ASP A 450 -38.43 11.29 23.60
C ASP A 450 -37.69 10.21 24.40
N THR A 451 -37.60 8.98 23.87
CA THR A 451 -37.06 7.80 24.58
C THR A 451 -35.55 7.94 24.65
N VAL A 452 -34.88 8.27 23.55
CA VAL A 452 -33.39 8.28 23.55
C VAL A 452 -32.90 9.63 24.08
N SER A 453 -33.72 10.67 24.03
CA SER A 453 -33.37 11.96 24.67
C SER A 453 -33.19 11.69 26.17
N ALA A 454 -34.22 11.16 26.83
CA ALA A 454 -34.14 10.72 28.24
C ALA A 454 -33.01 9.70 28.41
N LEU A 455 -32.93 8.71 27.54
CA LEU A 455 -32.07 7.51 27.77
C LEU A 455 -30.58 7.89 27.73
N VAL A 456 -30.15 8.73 26.80
CA VAL A 456 -28.68 8.93 26.61
C VAL A 456 -28.26 10.37 26.28
N TYR A 457 -29.20 11.31 26.03
CA TYR A 457 -28.87 12.70 25.61
C TYR A 457 -29.31 13.75 26.65
N ASP A 458 -29.62 13.39 27.91
CA ASP A 458 -29.95 14.37 28.98
C ASP A 458 -31.11 15.30 28.56
N ASN A 459 -32.10 14.78 27.85
CA ASN A 459 -33.34 15.49 27.47
C ASN A 459 -33.00 16.67 26.56
N LYS A 460 -31.86 16.63 25.87
CA LYS A 460 -31.48 17.76 24.97
C LYS A 460 -31.79 17.41 23.52
N LEU A 461 -32.34 16.24 23.21
CA LEU A 461 -32.64 15.91 21.80
C LEU A 461 -34.12 16.20 21.56
N LYS A 462 -34.42 17.00 20.53
CA LYS A 462 -35.80 17.45 20.20
C LYS A 462 -36.28 16.68 18.97
N ALA A 463 -37.59 16.45 18.86
CA ALA A 463 -38.22 15.76 17.71
C ALA A 463 -38.60 16.80 16.67
N HIS A 464 -38.14 16.66 15.42
CA HIS A 464 -38.75 17.36 14.26
C HIS A 464 -40.14 16.77 13.98
N LYS A 465 -40.25 15.49 13.69
CA LYS A 465 -41.55 14.82 13.43
C LYS A 465 -42.44 14.83 14.68
N ASP A 466 -43.73 14.60 14.50
CA ASP A 466 -44.68 14.35 15.60
C ASP A 466 -44.62 12.87 15.99
N LYS A 467 -45.43 12.48 16.98
CA LYS A 467 -45.71 11.05 17.28
C LYS A 467 -46.22 10.41 15.99
N SER A 468 -45.78 9.17 15.70
CA SER A 468 -46.30 8.35 14.59
C SER A 468 -47.54 7.58 15.08
N ALA A 469 -47.63 7.32 16.38
CA ALA A 469 -48.57 6.35 16.98
C ALA A 469 -48.30 4.97 16.35
N GLN A 470 -47.11 4.75 15.81
CA GLN A 470 -46.77 3.44 15.22
C GLN A 470 -45.53 2.88 15.93
N CYS A 471 -45.33 3.27 17.20
CA CYS A 471 -44.25 2.77 18.07
C CYS A 471 -44.85 1.88 19.15
N PHE A 472 -44.54 0.57 19.11
CA PHE A 472 -45.11 -0.46 20.01
C PHE A 472 -44.01 -1.18 20.80
N LYS A 473 -44.35 -1.68 21.98
CA LYS A 473 -43.45 -2.54 22.79
C LYS A 473 -44.23 -3.70 23.39
N MET A 474 -43.66 -4.90 23.30
N MET A 474 -43.62 -4.88 23.37
CA MET A 474 -44.17 -6.08 24.05
CA MET A 474 -44.14 -6.13 23.97
C MET A 474 -43.07 -6.57 24.98
C MET A 474 -43.09 -6.69 24.93
N PHE A 475 -43.47 -6.99 26.17
CA PHE A 475 -42.58 -7.66 27.15
C PHE A 475 -42.82 -9.15 26.99
N TYR A 476 -41.84 -9.86 26.44
CA TYR A 476 -41.89 -11.30 26.15
C TYR A 476 -40.49 -11.92 26.23
N LYS A 477 -40.22 -12.70 27.29
CA LYS A 477 -38.88 -13.30 27.53
C LYS A 477 -38.72 -14.50 26.60
N GLY A 478 -39.80 -15.26 26.45
CA GLY A 478 -39.83 -16.43 25.56
C GLY A 478 -38.83 -17.48 25.97
N VAL A 479 -38.02 -17.94 25.02
CA VAL A 479 -37.07 -19.06 25.25
C VAL A 479 -35.79 -18.73 24.48
N ILE A 480 -34.67 -18.67 25.18
CA ILE A 480 -33.34 -18.37 24.59
C ILE A 480 -32.61 -19.69 24.37
N THR A 481 -32.14 -19.93 23.16
CA THR A 481 -31.26 -21.07 22.85
C THR A 481 -29.92 -20.43 22.54
N HIS A 482 -28.82 -21.15 22.77
CA HIS A 482 -27.45 -20.66 22.51
C HIS A 482 -26.85 -21.61 21.50
N ASP A 483 -26.26 -21.07 20.44
CA ASP A 483 -25.37 -21.85 19.55
C ASP A 483 -23.95 -21.44 19.91
N VAL A 484 -22.99 -21.76 19.03
CA VAL A 484 -21.52 -21.69 19.29
C VAL A 484 -21.11 -20.30 19.80
N SER A 485 -21.67 -19.21 19.27
CA SER A 485 -21.26 -17.82 19.63
C SER A 485 -22.39 -16.78 19.48
N SER A 486 -23.65 -17.21 19.52
CA SER A 486 -24.82 -16.30 19.31
C SER A 486 -26.04 -16.80 20.08
N ALA A 487 -27.12 -16.02 20.14
CA ALA A 487 -28.39 -16.37 20.80
C ALA A 487 -29.53 -16.39 19.78
N ILE A 488 -30.57 -17.14 20.11
CA ILE A 488 -31.77 -17.31 19.28
C ILE A 488 -32.94 -17.31 20.25
N ASN A 489 -34.04 -16.66 19.87
CA ASN A 489 -35.28 -16.58 20.67
C ASN A 489 -36.42 -16.74 19.69
N ARG A 490 -36.66 -17.99 19.31
CA ARG A 490 -37.72 -18.41 18.37
C ARG A 490 -39.09 -17.90 18.85
N PRO A 491 -39.49 -18.05 20.13
CA PRO A 491 -40.77 -17.50 20.56
C PRO A 491 -40.88 -15.99 20.31
N GLN A 492 -39.79 -15.21 20.37
CA GLN A 492 -39.86 -13.75 20.04
C GLN A 492 -40.12 -13.59 18.54
N ILE A 493 -39.56 -14.45 17.70
CA ILE A 493 -39.83 -14.44 16.23
C ILE A 493 -41.27 -14.90 16.01
N GLY A 494 -41.72 -15.94 16.70
CA GLY A 494 -43.12 -16.35 16.70
C GLY A 494 -44.05 -15.16 16.96
N VAL A 495 -43.77 -14.37 17.98
CA VAL A 495 -44.64 -13.20 18.35
C VAL A 495 -44.71 -12.22 17.17
N VAL A 496 -43.59 -12.02 16.48
CA VAL A 496 -43.49 -11.10 15.32
C VAL A 496 -44.28 -11.71 14.17
N ARG A 497 -44.12 -13.01 13.90
CA ARG A 497 -44.84 -13.75 12.84
C ARG A 497 -46.33 -13.48 13.03
N GLU A 498 -46.81 -13.62 14.27
CA GLU A 498 -48.24 -13.48 14.64
C GLU A 498 -48.64 -12.00 14.49
N PHE A 499 -47.75 -11.09 14.85
CA PHE A 499 -47.99 -9.63 14.77
C PHE A 499 -48.17 -9.22 13.31
N LEU A 500 -47.35 -9.79 12.42
CA LEU A 500 -47.37 -9.50 10.96
C LEU A 500 -48.66 -10.05 10.34
N THR A 501 -49.19 -11.20 10.78
CA THR A 501 -50.44 -11.77 10.22
C THR A 501 -51.56 -10.76 10.48
N ARG A 502 -51.62 -10.23 11.69
CA ARG A 502 -52.61 -9.20 12.12
C ARG A 502 -52.24 -7.77 11.63
N ASN A 503 -51.03 -7.49 11.12
CA ASN A 503 -50.56 -6.11 10.76
C ASN A 503 -49.71 -6.18 9.50
N PRO A 504 -50.27 -6.68 8.38
CA PRO A 504 -49.46 -6.96 7.20
C PRO A 504 -48.72 -5.77 6.55
N ALA A 505 -49.09 -4.53 6.85
CA ALA A 505 -48.35 -3.34 6.34
C ALA A 505 -46.89 -3.40 6.78
N TRP A 506 -46.64 -4.03 7.93
CA TRP A 506 -45.31 -4.09 8.58
C TRP A 506 -44.38 -5.08 7.86
N ARG A 507 -44.85 -5.68 6.77
CA ARG A 507 -44.06 -6.61 5.94
C ARG A 507 -43.04 -5.82 5.13
N LYS A 508 -43.11 -4.49 5.14
CA LYS A 508 -42.03 -3.64 4.57
C LYS A 508 -40.89 -3.47 5.59
N ALA A 509 -41.06 -3.95 6.83
CA ALA A 509 -40.15 -3.66 7.97
C ALA A 509 -38.79 -4.35 7.78
N VAL A 510 -37.74 -3.73 8.31
CA VAL A 510 -36.42 -4.38 8.53
C VAL A 510 -36.47 -5.10 9.87
N PHE A 511 -35.87 -6.30 9.97
CA PHE A 511 -35.71 -7.04 11.25
C PHE A 511 -34.36 -6.71 11.85
N ILE A 512 -34.36 -6.30 13.11
CA ILE A 512 -33.09 -5.98 13.82
C ILE A 512 -33.07 -6.77 15.12
N SER A 513 -31.93 -7.37 15.42
CA SER A 513 -31.69 -8.01 16.73
C SER A 513 -30.23 -7.80 17.11
N PRO A 514 -29.87 -8.01 18.38
CA PRO A 514 -28.48 -7.89 18.76
C PRO A 514 -27.63 -9.12 18.38
N TYR A 515 -28.21 -10.11 17.71
CA TYR A 515 -27.51 -11.39 17.40
C TYR A 515 -27.73 -11.84 15.96
N ASN A 516 -26.64 -12.21 15.30
CA ASN A 516 -26.64 -12.71 13.89
C ASN A 516 -27.49 -14.00 13.80
N SER A 517 -27.44 -14.91 14.77
CA SER A 517 -28.20 -16.18 14.68
C SER A 517 -29.70 -15.92 14.75
N GLN A 518 -30.15 -15.15 15.75
CA GLN A 518 -31.56 -14.67 15.81
C GLN A 518 -31.96 -14.15 14.41
N ASN A 519 -31.11 -13.31 13.83
CA ASN A 519 -31.33 -12.71 12.49
C ASN A 519 -31.54 -13.85 11.47
N ALA A 520 -30.67 -14.86 11.46
CA ALA A 520 -30.66 -15.95 10.45
C ALA A 520 -31.98 -16.70 10.57
N VAL A 521 -32.40 -16.94 11.80
CA VAL A 521 -33.68 -17.66 12.05
C VAL A 521 -34.83 -16.78 11.55
N ALA A 522 -34.89 -15.51 11.97
CA ALA A 522 -35.94 -14.54 11.59
C ALA A 522 -36.06 -14.40 10.05
N SER A 523 -34.98 -14.52 9.30
CA SER A 523 -34.96 -14.34 7.83
C SER A 523 -35.70 -15.50 7.15
N LYS A 524 -35.46 -16.72 7.59
CA LYS A 524 -36.17 -17.93 7.12
C LYS A 524 -37.66 -17.78 7.46
N ILE A 525 -37.99 -17.50 8.72
CA ILE A 525 -39.39 -17.57 9.23
C ILE A 525 -40.25 -16.37 8.79
N LEU A 526 -39.67 -15.18 8.63
CA LEU A 526 -40.40 -13.90 8.37
C LEU A 526 -40.12 -13.44 6.94
N GLY A 527 -38.91 -13.70 6.46
CA GLY A 527 -38.40 -13.13 5.22
C GLY A 527 -38.34 -11.61 5.23
N LEU A 528 -38.29 -10.97 6.39
CA LEU A 528 -37.89 -9.53 6.38
C LEU A 528 -36.40 -9.45 6.05
N PRO A 529 -35.91 -8.33 5.49
CA PRO A 529 -34.47 -8.06 5.53
C PRO A 529 -34.06 -7.96 7.01
N THR A 530 -32.84 -8.36 7.33
CA THR A 530 -32.27 -8.37 8.70
C THR A 530 -30.98 -7.53 8.73
N GLN A 531 -30.72 -6.92 9.89
CA GLN A 531 -29.46 -6.23 10.29
C GLN A 531 -29.16 -6.56 11.75
N THR A 532 -27.91 -6.75 12.11
CA THR A 532 -27.50 -6.64 13.53
C THR A 532 -27.60 -5.16 13.86
N VAL A 533 -27.88 -4.81 15.10
CA VAL A 533 -27.85 -3.39 15.53
C VAL A 533 -26.57 -2.75 15.02
N ASP A 534 -25.49 -3.52 15.07
CA ASP A 534 -24.11 -3.05 14.83
C ASP A 534 -24.00 -2.77 13.32
N SER A 535 -24.58 -3.61 12.47
CA SER A 535 -24.53 -3.41 10.99
C SER A 535 -25.52 -2.31 10.58
N SER A 536 -26.50 -1.99 11.43
CA SER A 536 -27.58 -1.02 11.12
C SER A 536 -27.15 0.44 11.35
N GLN A 537 -26.20 0.68 12.27
CA GLN A 537 -25.63 2.03 12.58
C GLN A 537 -25.37 2.78 11.27
N GLY A 538 -25.97 3.96 11.09
CA GLY A 538 -25.83 4.82 9.89
C GLY A 538 -26.86 4.57 8.79
N SER A 539 -27.80 3.66 8.99
CA SER A 539 -28.92 3.38 8.04
C SER A 539 -30.24 3.76 8.69
N GLU A 540 -31.24 4.07 7.86
CA GLU A 540 -32.62 4.30 8.35
C GLU A 540 -33.57 3.45 7.53
N TYR A 541 -34.71 3.13 8.12
CA TYR A 541 -35.81 2.36 7.48
C TYR A 541 -37.15 2.88 8.04
N ASP A 542 -38.20 2.90 7.21
CA ASP A 542 -39.54 3.37 7.63
C ASP A 542 -39.99 2.59 8.87
N TYR A 543 -39.82 1.26 8.81
CA TYR A 543 -40.40 0.33 9.80
C TYR A 543 -39.33 -0.66 10.24
N VAL A 544 -39.16 -0.78 11.55
CA VAL A 544 -38.11 -1.59 12.20
C VAL A 544 -38.83 -2.53 13.14
N ILE A 545 -38.61 -3.82 13.02
CA ILE A 545 -39.05 -4.79 14.07
C ILE A 545 -37.80 -5.30 14.79
N PHE A 546 -37.75 -5.10 16.10
CA PHE A 546 -36.56 -5.38 16.94
C PHE A 546 -36.94 -6.40 18.00
N THR A 547 -36.26 -7.55 18.00
CA THR A 547 -36.33 -8.56 19.09
C THR A 547 -35.03 -8.48 19.92
N GLN A 548 -35.17 -8.16 21.21
CA GLN A 548 -34.01 -8.05 22.12
C GLN A 548 -33.33 -9.41 22.23
N THR A 549 -34.10 -10.50 22.18
CA THR A 549 -33.58 -11.90 22.14
C THR A 549 -33.16 -12.41 23.55
N THR A 550 -32.30 -11.65 24.25
CA THR A 550 -31.79 -11.95 25.62
C THR A 550 -31.84 -10.69 26.49
N GLU A 551 -31.61 -10.84 27.80
CA GLU A 551 -31.34 -9.72 28.75
C GLU A 551 -29.87 -9.69 29.16
N THR A 552 -28.94 -10.04 28.28
CA THR A 552 -27.48 -9.93 28.51
C THR A 552 -27.01 -8.47 28.62
N ALA A 553 -25.76 -8.27 29.03
CA ALA A 553 -25.06 -6.97 28.97
C ALA A 553 -25.00 -6.53 27.50
N HIS A 554 -24.73 -7.45 26.57
CA HIS A 554 -24.71 -7.15 25.12
C HIS A 554 -26.08 -6.61 24.70
N SER A 555 -27.16 -7.29 25.06
CA SER A 555 -28.48 -6.97 24.48
C SER A 555 -29.11 -5.76 25.20
N CYS A 556 -28.55 -5.31 26.34
CA CYS A 556 -29.06 -4.19 27.17
C CYS A 556 -28.14 -2.97 27.07
N ASN A 557 -27.01 -3.08 26.40
CA ASN A 557 -26.07 -1.94 26.28
C ASN A 557 -26.89 -0.76 25.76
N VAL A 558 -26.96 0.31 26.55
CA VAL A 558 -27.83 1.48 26.26
C VAL A 558 -27.42 2.06 24.90
N ASN A 559 -26.14 2.05 24.54
CA ASN A 559 -25.67 2.59 23.23
C ASN A 559 -26.25 1.75 22.09
N ARG A 560 -26.25 0.43 22.25
CA ARG A 560 -26.76 -0.49 21.20
C ARG A 560 -28.25 -0.23 21.04
N PHE A 561 -28.96 -0.11 22.15
CA PHE A 561 -30.43 0.04 22.14
C PHE A 561 -30.79 1.34 21.42
N ASN A 562 -30.00 2.38 21.74
CA ASN A 562 -30.12 3.74 21.18
C ASN A 562 -30.04 3.59 19.65
N VAL A 563 -29.03 2.87 19.15
CA VAL A 563 -28.84 2.68 17.68
C VAL A 563 -29.99 1.86 17.11
N ALA A 564 -30.47 0.87 17.86
CA ALA A 564 -31.46 -0.10 17.37
C ALA A 564 -32.74 0.67 17.01
N ILE A 565 -33.22 1.49 17.92
CA ILE A 565 -34.60 2.04 17.83
C ILE A 565 -34.61 3.35 17.03
N THR A 566 -33.47 4.01 16.83
CA THR A 566 -33.35 5.25 16.04
C THR A 566 -33.08 4.93 14.56
N ARG A 567 -33.29 3.68 14.15
CA ARG A 567 -33.17 3.31 12.71
C ARG A 567 -34.52 3.66 12.04
N ALA A 568 -35.59 3.78 12.82
CA ALA A 568 -37.00 3.89 12.36
C ALA A 568 -37.37 5.33 11.96
N LYS A 569 -37.85 5.53 10.73
CA LYS A 569 -38.42 6.83 10.23
C LYS A 569 -39.89 6.98 10.63
N VAL A 570 -40.64 5.89 10.78
CA VAL A 570 -42.13 5.94 10.90
C VAL A 570 -42.61 5.10 12.08
N GLY A 571 -42.35 3.79 12.06
CA GLY A 571 -42.85 2.89 13.12
C GLY A 571 -41.81 1.86 13.55
N ILE A 572 -41.97 1.32 14.75
CA ILE A 572 -41.06 0.31 15.36
C ILE A 572 -41.88 -0.60 16.25
N LEU A 573 -41.63 -1.91 16.20
CA LEU A 573 -42.11 -2.89 17.22
C LEU A 573 -40.88 -3.40 17.96
N CYS A 574 -40.78 -3.14 19.26
CA CYS A 574 -39.73 -3.71 20.13
C CYS A 574 -40.31 -4.86 20.95
N ILE A 575 -39.89 -6.09 20.67
CA ILE A 575 -40.15 -7.27 21.54
C ILE A 575 -38.99 -7.33 22.54
N MET A 576 -39.24 -6.98 23.80
CA MET A 576 -38.19 -6.76 24.83
C MET A 576 -38.10 -7.96 25.80
N SER A 577 -36.89 -8.24 26.25
CA SER A 577 -36.57 -9.25 27.29
C SER A 577 -36.34 -8.53 28.60
N ASP A 578 -35.76 -7.34 28.53
CA ASP A 578 -35.29 -6.58 29.71
C ASP A 578 -36.42 -5.69 30.22
N ARG A 579 -36.86 -5.89 31.46
CA ARG A 579 -37.92 -5.08 32.11
C ARG A 579 -37.47 -3.61 32.17
N ASP A 580 -36.20 -3.36 32.47
CA ASP A 580 -35.60 -2.00 32.57
C ASP A 580 -35.86 -1.23 31.25
N LEU A 581 -35.20 -1.58 30.14
CA LEU A 581 -35.35 -0.84 28.87
C LEU A 581 -36.81 -0.87 28.38
N TYR A 582 -37.56 -1.95 28.59
CA TYR A 582 -38.99 -1.96 28.24
C TYR A 582 -39.68 -0.76 28.88
N ASP A 583 -39.40 -0.53 30.15
CA ASP A 583 -40.12 0.47 30.99
C ASP A 583 -39.69 1.86 30.52
N LYS A 584 -38.49 1.98 29.97
CA LYS A 584 -37.94 3.26 29.42
C LYS A 584 -38.47 3.54 28.01
N LEU A 585 -38.99 2.53 27.31
CA LEU A 585 -39.62 2.72 25.98
C LEU A 585 -40.92 3.50 26.15
N GLN A 586 -40.97 4.73 25.63
CA GLN A 586 -42.16 5.63 25.66
C GLN A 586 -43.04 5.25 24.46
N PHE A 587 -43.50 4.01 24.40
CA PHE A 587 -44.20 3.39 23.26
C PHE A 587 -45.51 2.83 23.79
N THR A 588 -46.41 2.51 22.88
CA THR A 588 -47.69 1.83 23.20
C THR A 588 -47.38 0.39 23.56
N SER A 589 -47.78 -0.05 24.76
CA SER A 589 -47.64 -1.46 25.18
C SER A 589 -48.66 -2.29 24.42
N LEU A 590 -48.33 -3.55 24.10
CA LEU A 590 -49.25 -4.55 23.49
C LEU A 590 -49.25 -5.80 24.37
N GLU A 591 -50.42 -6.42 24.61
CA GLU A 591 -50.54 -7.72 25.34
C GLU A 591 -50.04 -8.83 24.40
N ILE A 592 -49.81 -10.04 24.95
CA ILE A 592 -49.30 -11.24 24.21
C ILE A 592 -50.49 -12.09 23.76
N PRO A 593 -50.67 -12.36 22.44
CA PRO A 593 -51.73 -13.27 22.00
C PRO A 593 -51.56 -14.72 22.47
N ALA B 1 -5.36 25.47 -8.15
CA ALA B 1 -4.79 26.03 -9.40
C ALA B 1 -3.50 26.83 -9.14
N VAL B 2 -3.03 26.90 -7.88
CA VAL B 2 -1.74 27.56 -7.50
C VAL B 2 -0.70 26.47 -7.25
N GLY B 3 0.51 26.64 -7.81
CA GLY B 3 1.60 25.66 -7.76
C GLY B 3 2.95 26.29 -8.10
N ALA B 4 3.99 25.46 -8.20
CA ALA B 4 5.36 25.91 -8.55
C ALA B 4 5.61 25.66 -10.04
N CYS B 5 6.53 26.41 -10.64
CA CYS B 5 6.90 26.35 -12.08
C CYS B 5 7.90 25.22 -12.33
N VAL B 6 7.47 24.13 -13.00
CA VAL B 6 8.24 22.86 -13.14
C VAL B 6 9.56 23.12 -13.85
N LEU B 7 9.92 24.37 -14.15
CA LEU B 7 11.20 24.69 -14.84
C LEU B 7 12.08 25.61 -13.98
N CYS B 8 11.50 26.57 -13.27
CA CYS B 8 12.21 27.61 -12.46
C CYS B 8 11.70 27.66 -11.02
N ASN B 9 10.64 26.90 -10.71
CA ASN B 9 10.13 26.68 -9.32
C ASN B 9 9.13 27.78 -8.96
N SER B 10 9.13 28.92 -9.68
CA SER B 10 8.34 30.14 -9.37
C SER B 10 6.88 29.79 -9.14
N GLN B 11 6.25 30.40 -8.13
CA GLN B 11 4.79 30.28 -7.85
C GLN B 11 4.03 30.73 -9.11
N THR B 12 2.92 30.07 -9.46
CA THR B 12 2.09 30.45 -10.64
C THR B 12 0.68 29.88 -10.53
N SER B 13 -0.26 30.52 -11.21
CA SER B 13 -1.70 30.13 -11.35
C SER B 13 -1.89 29.35 -12.65
N LEU B 14 -0.82 29.20 -13.44
CA LEU B 14 -0.89 28.80 -14.89
C LEU B 14 -0.29 27.41 -15.10
N ARG B 15 -1.14 26.44 -15.43
CA ARG B 15 -0.77 25.10 -15.96
C ARG B 15 -1.08 25.05 -17.46
N CYS B 16 -0.29 24.32 -18.26
CA CYS B 16 -0.57 24.09 -19.69
C CYS B 16 -1.58 22.96 -19.86
N GLY B 17 -2.72 23.24 -20.49
CA GLY B 17 -3.84 22.30 -20.66
C GLY B 17 -3.61 21.43 -21.88
N ALA B 18 -2.40 21.52 -22.47
CA ALA B 18 -2.04 20.86 -23.74
C ALA B 18 -1.08 19.71 -23.44
N CYS B 19 -0.02 19.97 -22.67
CA CYS B 19 0.76 18.91 -21.96
C CYS B 19 -0.18 17.86 -21.33
N ILE B 20 0.08 16.55 -21.53
CA ILE B 20 -0.76 15.45 -20.96
C ILE B 20 -0.74 15.48 -19.43
N ARG B 21 0.34 15.99 -18.79
CA ARG B 21 0.47 16.05 -17.31
C ARG B 21 -0.21 17.29 -16.71
N ARG B 22 -0.23 18.43 -17.44
CA ARG B 22 -0.78 19.75 -17.01
C ARG B 22 0.13 20.37 -15.95
N PRO B 23 1.41 20.59 -16.29
CA PRO B 23 2.33 21.26 -15.39
C PRO B 23 2.10 22.77 -15.19
N PHE B 24 2.11 23.20 -13.93
CA PHE B 24 2.40 24.59 -13.47
C PHE B 24 3.60 25.18 -14.23
N LEU B 25 3.37 26.21 -15.06
CA LEU B 25 4.43 27.00 -15.76
C LEU B 25 4.35 28.47 -15.31
N CYS B 26 5.47 29.06 -14.89
CA CYS B 26 5.56 30.49 -14.52
C CYS B 26 5.38 31.33 -15.78
N CYS B 27 4.79 32.52 -15.64
CA CYS B 27 4.50 33.50 -16.72
C CYS B 27 5.66 33.60 -17.74
N LYS B 28 6.88 33.92 -17.32
CA LYS B 28 8.04 34.10 -18.26
C LYS B 28 8.20 32.84 -19.12
N CYS B 29 8.02 31.66 -18.53
CA CYS B 29 8.26 30.32 -19.16
C CYS B 29 6.99 29.83 -19.88
N CYS B 30 5.79 29.91 -19.26
CA CYS B 30 4.49 29.47 -19.86
C CYS B 30 4.27 30.15 -21.21
N TYR B 31 4.84 31.33 -21.41
CA TYR B 31 4.94 32.02 -22.72
C TYR B 31 5.75 31.15 -23.68
N ASP B 32 7.02 30.92 -23.33
CA ASP B 32 8.06 30.27 -24.18
C ASP B 32 7.57 28.88 -24.60
N HIS B 33 6.74 28.23 -23.78
CA HIS B 33 5.99 27.00 -24.17
C HIS B 33 5.06 27.36 -25.35
N VAL B 34 4.11 28.27 -25.13
CA VAL B 34 2.93 28.47 -26.03
C VAL B 34 3.36 29.22 -27.30
N ILE B 35 4.42 30.01 -27.23
CA ILE B 35 4.91 30.72 -28.45
C ILE B 35 5.66 29.76 -29.41
N SER B 36 6.13 28.59 -28.95
CA SER B 36 7.03 27.71 -29.75
C SER B 36 6.45 26.30 -29.99
N THR B 37 5.36 25.92 -29.35
CA THR B 37 4.72 24.58 -29.50
C THR B 37 3.29 24.74 -30.05
N SER B 38 2.67 23.66 -30.50
CA SER B 38 1.22 23.60 -30.80
C SER B 38 0.41 23.81 -29.50
N HIS B 39 1.09 24.02 -28.37
CA HIS B 39 0.47 24.09 -27.03
C HIS B 39 -0.01 25.53 -26.83
N LYS B 40 -1.33 25.73 -26.85
CA LYS B 40 -1.93 27.09 -26.80
C LYS B 40 -2.86 27.18 -25.60
N LEU B 41 -3.58 26.11 -25.25
CA LEU B 41 -4.43 26.11 -24.03
C LEU B 41 -3.59 26.32 -22.78
N VAL B 42 -3.93 27.37 -22.02
CA VAL B 42 -3.46 27.64 -20.62
C VAL B 42 -4.68 27.47 -19.70
N LEU B 43 -4.45 27.07 -18.45
CA LEU B 43 -5.51 26.97 -17.41
C LEU B 43 -5.05 27.77 -16.18
N SER B 44 -6.04 28.23 -15.39
CA SER B 44 -5.95 28.67 -13.97
C SER B 44 -7.32 28.42 -13.33
N VAL B 45 -7.60 29.00 -12.15
CA VAL B 45 -8.94 28.91 -11.47
C VAL B 45 -10.00 28.67 -12.56
N ASN B 46 -9.88 29.44 -13.64
CA ASN B 46 -10.81 29.52 -14.80
C ASN B 46 -9.97 29.40 -16.08
N PRO B 47 -10.43 28.61 -17.08
CA PRO B 47 -9.68 28.50 -18.34
C PRO B 47 -9.45 29.87 -19.03
N TYR B 48 -8.25 30.11 -19.52
CA TYR B 48 -7.91 31.17 -20.52
C TYR B 48 -8.59 30.82 -21.85
N VAL B 49 -9.86 31.17 -21.94
CA VAL B 49 -10.72 31.04 -23.15
C VAL B 49 -11.51 32.36 -23.27
N CYS B 50 -11.87 32.76 -24.49
CA CYS B 50 -12.77 33.92 -24.74
C CYS B 50 -14.05 33.67 -23.96
N ASN B 51 -14.42 34.61 -23.09
CA ASN B 51 -15.55 34.47 -22.13
C ASN B 51 -16.86 34.88 -22.82
N ALA B 52 -16.78 35.29 -24.09
CA ALA B 52 -17.93 35.76 -24.89
C ALA B 52 -18.84 34.59 -25.21
N PRO B 53 -20.18 34.71 -25.04
CA PRO B 53 -21.09 33.65 -25.41
C PRO B 53 -20.76 33.09 -26.81
N GLY B 54 -20.65 31.76 -26.91
CA GLY B 54 -20.59 30.99 -28.17
C GLY B 54 -19.22 30.99 -28.82
N CYS B 55 -18.30 31.85 -28.38
CA CYS B 55 -16.95 31.97 -28.99
C CYS B 55 -16.15 30.72 -28.60
N ASP B 56 -15.27 30.25 -29.49
CA ASP B 56 -14.56 28.95 -29.29
C ASP B 56 -13.06 29.18 -29.13
N VAL B 57 -12.57 30.42 -29.29
CA VAL B 57 -11.10 30.76 -29.27
C VAL B 57 -10.52 30.44 -27.89
N THR B 58 -9.61 29.46 -27.81
CA THR B 58 -8.89 29.01 -26.60
C THR B 58 -7.40 29.34 -26.71
N ASP B 59 -6.92 29.73 -27.90
CA ASP B 59 -5.48 29.99 -28.14
C ASP B 59 -5.08 31.24 -27.35
N VAL B 60 -4.38 31.04 -26.24
CA VAL B 60 -3.87 32.09 -25.31
C VAL B 60 -3.19 33.22 -26.09
N THR B 61 -2.66 32.96 -27.29
CA THR B 61 -1.89 33.95 -28.11
C THR B 61 -2.85 34.87 -28.85
N GLN B 62 -4.15 34.53 -28.85
CA GLN B 62 -5.22 35.30 -29.53
C GLN B 62 -6.20 35.86 -28.50
N LEU B 63 -5.84 35.88 -27.20
CA LEU B 63 -6.73 36.29 -26.09
C LEU B 63 -6.17 37.52 -25.38
N TYR B 64 -7.04 38.19 -24.61
CA TYR B 64 -6.77 39.45 -23.87
C TYR B 64 -7.52 39.44 -22.53
N LEU B 65 -6.95 40.13 -21.55
CA LEU B 65 -7.63 40.48 -20.27
C LEU B 65 -8.54 41.71 -20.52
N GLY B 66 -9.86 41.55 -20.30
CA GLY B 66 -10.88 42.63 -20.33
C GLY B 66 -11.56 42.76 -18.98
N GLY B 67 -11.03 43.62 -18.11
CA GLY B 67 -11.38 43.63 -16.68
C GLY B 67 -10.75 42.44 -15.98
N MET B 68 -11.55 41.60 -15.34
CA MET B 68 -11.09 40.34 -14.70
C MET B 68 -11.17 39.20 -15.72
N SER B 69 -11.83 39.42 -16.87
CA SER B 69 -12.26 38.37 -17.85
C SER B 69 -11.36 38.33 -19.09
N TYR B 70 -11.51 37.29 -19.92
CA TYR B 70 -10.60 36.99 -21.05
C TYR B 70 -11.44 36.99 -22.32
N TYR B 71 -10.92 37.60 -23.39
CA TYR B 71 -11.66 37.76 -24.68
C TYR B 71 -10.68 37.59 -25.83
N CYS B 72 -11.17 37.17 -27.00
CA CYS B 72 -10.40 37.09 -28.26
C CYS B 72 -10.28 38.50 -28.86
N LYS B 73 -9.66 38.64 -30.04
CA LYS B 73 -9.47 39.96 -30.72
C LYS B 73 -10.83 40.51 -31.17
N SER B 74 -11.83 39.64 -31.40
CA SER B 74 -13.20 39.95 -31.88
C SER B 74 -14.18 40.36 -30.77
N HIS B 75 -13.85 40.21 -29.48
CA HIS B 75 -14.78 40.38 -28.33
C HIS B 75 -14.18 41.26 -27.23
N LYS B 76 -12.86 41.47 -27.25
CA LYS B 76 -12.14 42.28 -26.22
C LYS B 76 -12.73 43.68 -26.20
N PRO B 77 -12.84 44.31 -25.01
CA PRO B 77 -13.29 45.69 -24.92
C PRO B 77 -12.13 46.61 -25.33
N PRO B 78 -12.34 47.92 -25.57
CA PRO B 78 -11.24 48.79 -25.99
C PRO B 78 -10.08 48.72 -24.97
N ILE B 79 -10.37 48.86 -23.67
CA ILE B 79 -9.36 48.76 -22.59
C ILE B 79 -9.20 47.27 -22.24
N SER B 80 -8.23 46.63 -22.92
CA SER B 80 -7.76 45.24 -22.69
C SER B 80 -6.28 45.11 -23.09
N PHE B 81 -5.52 44.45 -22.21
CA PHE B 81 -4.13 43.92 -22.41
C PHE B 81 -4.21 42.55 -23.09
N PRO B 82 -3.28 42.23 -24.03
CA PRO B 82 -3.16 40.87 -24.56
C PRO B 82 -2.49 39.96 -23.52
N LEU B 83 -2.98 38.71 -23.39
CA LEU B 83 -2.52 37.74 -22.36
C LEU B 83 -1.05 37.36 -22.64
N CYS B 84 -0.65 37.39 -23.90
CA CYS B 84 0.75 37.17 -24.35
C CYS B 84 1.39 38.52 -24.70
N ALA B 85 2.33 38.97 -23.88
CA ALA B 85 3.09 40.21 -24.10
C ALA B 85 4.46 40.12 -23.43
N ASN B 86 5.45 40.86 -23.94
CA ASN B 86 6.78 41.05 -23.31
C ASN B 86 7.26 39.72 -22.69
N GLY B 87 7.30 38.65 -23.50
CA GLY B 87 7.84 37.32 -23.13
C GLY B 87 7.14 36.69 -21.94
N GLN B 88 5.91 37.11 -21.62
CA GLN B 88 5.16 36.62 -20.43
C GLN B 88 3.70 36.38 -20.82
N VAL B 89 3.00 35.59 -20.01
CA VAL B 89 1.53 35.33 -20.07
C VAL B 89 0.97 35.81 -18.74
N PHE B 90 0.00 36.72 -18.77
CA PHE B 90 -0.64 37.26 -17.56
C PHE B 90 -1.11 36.09 -16.68
N GLY B 91 -0.71 36.14 -15.41
CA GLY B 91 -1.22 35.34 -14.28
C GLY B 91 -0.61 35.87 -13.00
N LEU B 92 -0.97 35.30 -11.85
CA LEU B 92 -0.55 35.79 -10.51
C LEU B 92 0.98 35.68 -10.37
N TYR B 93 1.56 36.45 -9.45
CA TYR B 93 2.96 36.36 -8.95
C TYR B 93 3.99 36.80 -10.01
N LYS B 94 3.55 37.48 -11.09
CA LYS B 94 4.38 37.91 -12.26
C LYS B 94 5.49 38.89 -11.84
N VAL B 103 13.80 25.73 -21.51
CA VAL B 103 12.37 25.58 -21.94
C VAL B 103 12.34 24.93 -23.34
N THR B 104 13.28 25.26 -24.23
CA THR B 104 13.60 24.48 -25.44
C THR B 104 13.39 22.99 -25.16
N ASP B 105 14.17 22.48 -24.19
CA ASP B 105 14.22 21.06 -23.76
C ASP B 105 12.83 20.65 -23.25
N PHE B 106 12.23 21.50 -22.40
CA PHE B 106 10.85 21.31 -21.89
C PHE B 106 9.88 21.15 -23.07
N ASN B 107 10.03 21.99 -24.10
CA ASN B 107 9.08 22.01 -25.25
C ASN B 107 9.20 20.66 -25.97
N ALA B 108 10.44 20.23 -26.23
CA ALA B 108 10.79 18.98 -26.94
C ALA B 108 10.22 17.79 -26.18
N ILE B 109 10.29 17.81 -24.85
CA ILE B 109 9.74 16.76 -23.94
C ILE B 109 8.20 16.79 -24.00
N ALA B 110 7.57 17.95 -23.85
CA ALA B 110 6.10 18.11 -23.75
C ALA B 110 5.40 17.59 -25.02
N THR B 111 6.04 17.77 -26.17
CA THR B 111 5.43 17.56 -27.52
C THR B 111 5.77 16.19 -28.11
N CYS B 112 6.95 15.62 -27.77
CA CYS B 112 7.46 14.31 -28.30
C CYS B 112 6.48 13.16 -28.03
N ASP B 113 6.45 12.17 -28.93
CA ASP B 113 5.60 10.95 -28.83
C ASP B 113 6.34 9.78 -28.16
N TRP B 114 7.65 9.90 -27.90
CA TRP B 114 8.48 8.91 -27.15
C TRP B 114 8.76 7.65 -27.99
N THR B 115 8.84 7.80 -29.32
CA THR B 115 9.10 6.71 -30.29
C THR B 115 10.54 6.84 -30.80
N ASN B 116 11.17 7.99 -30.53
CA ASN B 116 12.55 8.34 -30.98
C ASN B 116 13.49 8.20 -29.78
N ALA B 117 14.71 7.71 -30.04
CA ALA B 117 15.76 7.54 -29.02
C ALA B 117 16.02 8.90 -28.37
N GLY B 118 16.22 9.90 -29.23
CA GLY B 118 16.60 11.28 -28.88
C GLY B 118 15.66 11.91 -27.87
N ASP B 119 14.41 11.43 -27.82
CA ASP B 119 13.41 11.74 -26.77
C ASP B 119 13.93 11.24 -25.42
N TYR B 120 14.44 10.00 -25.38
CA TYR B 120 14.95 9.37 -24.13
C TYR B 120 16.28 10.03 -23.81
N ILE B 121 17.06 10.39 -24.83
CA ILE B 121 18.39 11.03 -24.61
C ILE B 121 18.16 12.33 -23.84
N LEU B 122 17.40 13.23 -24.46
CA LEU B 122 17.03 14.55 -23.89
C LEU B 122 16.43 14.38 -22.48
N ALA B 123 15.62 13.33 -22.24
CA ALA B 123 14.97 13.04 -20.93
C ALA B 123 16.00 12.64 -19.85
N ASN B 124 17.28 12.57 -20.22
CA ASN B 124 18.37 12.10 -19.31
C ASN B 124 19.56 13.08 -19.33
N THR B 125 19.58 14.04 -20.26
CA THR B 125 20.60 15.12 -20.31
C THR B 125 20.01 16.43 -19.77
N CYS B 126 18.72 16.47 -19.42
CA CYS B 126 18.02 17.70 -18.98
C CYS B 126 18.28 17.96 -17.48
N THR B 127 17.83 19.10 -16.96
CA THR B 127 17.77 19.44 -15.50
C THR B 127 16.96 18.35 -14.77
N GLU B 128 17.03 18.35 -13.43
CA GLU B 128 16.48 17.29 -12.56
C GLU B 128 14.97 17.42 -12.46
N ARG B 129 14.42 18.64 -12.43
CA ARG B 129 12.94 18.81 -12.39
C ARG B 129 12.37 18.40 -13.76
N LEU B 130 13.14 18.57 -14.84
CA LEU B 130 12.68 18.20 -16.19
C LEU B 130 12.69 16.67 -16.36
N LYS B 131 13.72 15.99 -15.83
CA LYS B 131 13.77 14.49 -15.79
C LYS B 131 12.48 13.94 -15.16
N LEU B 132 11.95 14.59 -14.12
CA LEU B 132 10.71 14.11 -13.45
C LEU B 132 9.51 14.32 -14.37
N PHE B 133 9.43 15.48 -15.03
CA PHE B 133 8.34 15.85 -15.97
C PHE B 133 8.36 14.83 -17.13
N ALA B 134 9.53 14.76 -17.78
CA ALA B 134 9.92 13.77 -18.82
C ALA B 134 9.44 12.37 -18.44
N ALA B 135 9.84 11.86 -17.26
CA ALA B 135 9.58 10.49 -16.78
C ALA B 135 8.08 10.29 -16.54
N GLU B 136 7.40 11.33 -16.09
CA GLU B 136 5.96 11.30 -15.72
C GLU B 136 5.16 11.31 -17.02
N THR B 137 5.61 12.10 -17.99
CA THR B 137 4.99 12.26 -19.33
C THR B 137 5.15 10.97 -20.14
N LEU B 138 6.39 10.46 -20.23
CA LEU B 138 6.70 9.16 -20.88
C LEU B 138 5.76 8.08 -20.32
N LYS B 139 5.73 7.90 -19.00
CA LYS B 139 4.94 6.84 -18.35
C LYS B 139 3.45 7.06 -18.64
N ALA B 140 2.98 8.31 -18.61
CA ALA B 140 1.60 8.68 -19.00
C ALA B 140 1.38 8.17 -20.42
N THR B 141 2.24 8.60 -21.36
CA THR B 141 2.14 8.25 -22.79
C THR B 141 2.22 6.73 -22.96
N GLU B 142 3.10 6.06 -22.20
CA GLU B 142 3.25 4.58 -22.20
C GLU B 142 1.91 3.94 -21.82
N GLU B 143 1.23 4.45 -20.79
CA GLU B 143 -0.01 3.85 -20.24
C GLU B 143 -1.20 4.12 -21.17
N THR B 144 -1.35 5.37 -21.67
CA THR B 144 -2.51 5.79 -22.52
C THR B 144 -2.44 5.10 -23.89
N PHE B 145 -1.27 4.57 -24.28
CA PHE B 145 -1.10 3.80 -25.53
C PHE B 145 -1.61 2.35 -25.35
N LYS B 146 -1.75 1.86 -24.13
CA LYS B 146 -2.18 0.46 -23.87
C LYS B 146 -3.68 0.34 -24.16
N LEU B 147 -4.43 1.43 -23.99
CA LEU B 147 -5.89 1.50 -24.27
C LEU B 147 -6.14 1.25 -25.77
N SER B 148 -5.13 1.48 -26.61
CA SER B 148 -5.20 1.50 -28.11
C SER B 148 -5.13 0.09 -28.71
N TYR B 149 -4.67 -0.91 -27.95
CA TYR B 149 -4.57 -2.33 -28.40
C TYR B 149 -5.97 -2.97 -28.45
N GLY B 150 -6.05 -4.21 -28.98
CA GLY B 150 -7.31 -4.95 -29.20
C GLY B 150 -7.62 -5.91 -28.08
N ILE B 151 -8.86 -5.89 -27.58
CA ILE B 151 -9.36 -6.78 -26.47
C ILE B 151 -9.43 -8.20 -27.04
N ALA B 152 -8.87 -9.19 -26.33
CA ALA B 152 -8.85 -10.62 -26.72
C ALA B 152 -9.88 -11.39 -25.88
N THR B 153 -10.87 -11.99 -26.53
CA THR B 153 -11.86 -12.89 -25.88
C THR B 153 -11.62 -14.31 -26.40
N VAL B 154 -11.72 -15.30 -25.51
CA VAL B 154 -11.43 -16.74 -25.76
C VAL B 154 -12.61 -17.33 -26.54
N ARG B 155 -12.42 -17.63 -27.83
CA ARG B 155 -13.43 -18.30 -28.69
C ARG B 155 -13.73 -19.68 -28.09
N GLU B 156 -12.71 -20.43 -27.65
CA GLU B 156 -12.87 -21.77 -27.02
C GLU B 156 -11.62 -22.18 -26.21
N VAL B 157 -11.82 -22.89 -25.09
CA VAL B 157 -10.78 -23.46 -24.18
C VAL B 157 -10.32 -24.80 -24.77
N LEU B 158 -9.00 -25.04 -24.89
CA LEU B 158 -8.45 -26.33 -25.40
C LEU B 158 -8.04 -27.23 -24.22
N SER B 159 -7.05 -26.80 -23.42
CA SER B 159 -6.51 -27.56 -22.27
C SER B 159 -6.38 -26.65 -21.04
N ASP B 160 -5.47 -27.01 -20.12
CA ASP B 160 -5.18 -26.30 -18.84
C ASP B 160 -4.02 -25.30 -19.04
N ARG B 161 -3.44 -25.25 -20.25
CA ARG B 161 -2.35 -24.31 -20.61
C ARG B 161 -2.44 -23.85 -22.07
N GLU B 162 -3.55 -24.11 -22.80
CA GLU B 162 -3.73 -23.67 -24.21
C GLU B 162 -5.19 -23.27 -24.45
N LEU B 163 -5.41 -22.33 -25.37
CA LEU B 163 -6.77 -21.93 -25.84
C LEU B 163 -6.69 -21.27 -27.22
N HIS B 164 -7.86 -20.95 -27.80
CA HIS B 164 -8.02 -20.22 -29.08
C HIS B 164 -8.57 -18.81 -28.78
N LEU B 165 -7.87 -17.76 -29.24
CA LEU B 165 -8.19 -16.34 -28.96
C LEU B 165 -8.80 -15.69 -30.21
N SER B 166 -9.84 -14.87 -30.01
CA SER B 166 -10.47 -13.96 -31.00
C SER B 166 -10.21 -12.50 -30.59
N TRP B 167 -9.69 -11.67 -31.51
CA TRP B 167 -9.13 -10.31 -31.28
C TRP B 167 -10.02 -9.21 -31.89
N GLU B 168 -10.32 -8.16 -31.13
CA GLU B 168 -11.25 -7.06 -31.54
C GLU B 168 -10.80 -6.51 -32.89
N VAL B 169 -11.78 -6.34 -33.79
CA VAL B 169 -11.65 -5.83 -35.19
C VAL B 169 -11.08 -4.41 -35.17
N GLY B 170 -10.17 -4.11 -36.12
CA GLY B 170 -9.67 -2.75 -36.42
C GLY B 170 -8.86 -2.12 -35.29
N LYS B 171 -8.23 -2.94 -34.44
CA LYS B 171 -7.25 -2.51 -33.40
C LYS B 171 -6.06 -3.47 -33.44
N PRO B 172 -4.82 -2.99 -33.15
CA PRO B 172 -3.62 -3.82 -33.24
C PRO B 172 -3.68 -5.00 -32.25
N ARG B 173 -2.74 -5.95 -32.38
CA ARG B 173 -2.61 -7.12 -31.48
C ARG B 173 -1.28 -7.01 -30.74
N PRO B 174 -1.29 -7.01 -29.39
CA PRO B 174 -0.04 -6.97 -28.62
C PRO B 174 0.79 -8.24 -28.81
N PRO B 175 2.14 -8.16 -28.88
CA PRO B 175 2.96 -9.36 -29.04
C PRO B 175 2.68 -10.32 -27.87
N LEU B 176 2.48 -11.60 -28.16
CA LEU B 176 2.04 -12.62 -27.16
C LEU B 176 3.28 -13.29 -26.57
N ASN B 177 4.00 -12.58 -25.72
CA ASN B 177 5.23 -13.06 -25.02
C ASN B 177 5.01 -12.93 -23.51
N ARG B 178 6.04 -13.19 -22.70
CA ARG B 178 6.01 -13.04 -21.22
C ARG B 178 5.82 -11.55 -20.85
N ASN B 179 6.45 -10.63 -21.61
CA ASN B 179 6.48 -9.17 -21.33
C ASN B 179 5.06 -8.64 -21.09
N TYR B 180 4.14 -8.90 -22.02
CA TYR B 180 2.76 -8.34 -22.03
C TYR B 180 1.87 -9.19 -21.11
N VAL B 181 1.39 -8.59 -20.02
CA VAL B 181 0.50 -9.25 -19.02
C VAL B 181 -0.89 -8.64 -19.16
N PHE B 182 -1.89 -9.48 -19.44
CA PHE B 182 -3.31 -9.08 -19.62
C PHE B 182 -4.09 -9.43 -18.35
N THR B 183 -5.05 -8.58 -17.99
CA THR B 183 -6.02 -8.85 -16.90
C THR B 183 -7.25 -9.50 -17.54
N GLY B 184 -7.70 -10.61 -16.96
CA GLY B 184 -8.91 -11.35 -17.37
C GLY B 184 -10.12 -10.83 -16.64
N TYR B 185 -11.31 -10.94 -17.27
CA TYR B 185 -12.60 -10.43 -16.75
C TYR B 185 -13.74 -11.36 -17.18
N GLN B 194 -12.37 -9.74 -12.10
CA GLN B 194 -10.90 -9.65 -12.36
C GLN B 194 -10.26 -11.01 -12.06
N ILE B 195 -10.38 -11.97 -12.99
CA ILE B 195 -9.97 -13.39 -12.79
C ILE B 195 -8.44 -13.50 -12.82
N GLY B 196 -7.73 -12.55 -12.21
CA GLY B 196 -6.25 -12.55 -12.09
C GLY B 196 -5.56 -12.30 -13.42
N GLU B 197 -4.25 -12.05 -13.40
CA GLU B 197 -3.43 -11.69 -14.58
C GLU B 197 -3.15 -12.97 -15.40
N TYR B 198 -2.95 -12.82 -16.72
CA TYR B 198 -2.60 -13.92 -17.65
C TYR B 198 -1.59 -13.44 -18.70
N THR B 199 -0.58 -14.27 -19.00
CA THR B 199 0.32 -14.15 -20.18
C THR B 199 -0.02 -15.25 -21.19
N PHE B 200 0.47 -15.10 -22.43
CA PHE B 200 0.21 -15.98 -23.61
C PHE B 200 1.53 -16.32 -24.31
N GLU B 201 1.55 -17.37 -25.15
CA GLU B 201 2.68 -17.73 -26.07
C GLU B 201 2.17 -18.69 -27.16
N LYS B 202 2.53 -18.46 -28.42
CA LYS B 202 2.02 -19.22 -29.61
C LYS B 202 2.28 -20.72 -29.42
N ASP B 207 -3.53 -21.64 -34.71
CA ASP B 207 -4.20 -20.57 -33.92
C ASP B 207 -3.89 -20.75 -32.43
N ALA B 208 -3.72 -21.99 -31.95
CA ALA B 208 -3.53 -22.35 -30.52
C ALA B 208 -2.50 -21.43 -29.85
N VAL B 209 -2.85 -20.91 -28.67
CA VAL B 209 -1.99 -20.04 -27.81
C VAL B 209 -1.82 -20.72 -26.45
N VAL B 210 -0.65 -20.53 -25.82
CA VAL B 210 -0.27 -21.09 -24.47
C VAL B 210 -0.58 -20.03 -23.39
N TYR B 211 -1.68 -20.21 -22.63
CA TYR B 211 -2.15 -19.28 -21.57
C TYR B 211 -1.55 -19.65 -20.22
N ARG B 212 -1.06 -18.66 -19.46
CA ARG B 212 -0.39 -18.85 -18.15
C ARG B 212 -1.11 -17.98 -17.11
N GLY B 213 -1.93 -18.60 -16.26
CA GLY B 213 -2.72 -17.90 -15.22
C GLY B 213 -1.92 -17.72 -13.95
N THR B 214 -1.82 -16.48 -13.45
CA THR B 214 -1.30 -16.14 -12.09
C THR B 214 -2.25 -16.75 -11.05
N THR B 215 -3.54 -16.84 -11.39
CA THR B 215 -4.58 -17.60 -10.65
C THR B 215 -4.87 -18.87 -11.45
N THR B 216 -5.06 -20.01 -10.78
CA THR B 216 -5.61 -21.26 -11.38
C THR B 216 -7.14 -21.15 -11.40
N TYR B 217 -7.76 -21.11 -12.58
CA TYR B 217 -9.20 -20.77 -12.75
C TYR B 217 -9.79 -21.43 -14.00
N LYS B 218 -10.90 -22.17 -13.81
CA LYS B 218 -11.79 -22.66 -14.88
C LYS B 218 -12.27 -21.44 -15.69
N LEU B 219 -11.45 -21.03 -16.67
CA LEU B 219 -11.68 -19.83 -17.54
C LEU B 219 -12.75 -20.16 -18.59
N ASN B 220 -13.90 -19.48 -18.51
CA ASN B 220 -15.07 -19.72 -19.38
C ASN B 220 -14.80 -19.13 -20.77
N VAL B 221 -15.56 -19.58 -21.78
CA VAL B 221 -15.72 -18.88 -23.09
C VAL B 221 -16.57 -17.62 -22.83
N GLY B 222 -16.21 -16.50 -23.45
CA GLY B 222 -16.83 -15.18 -23.20
C GLY B 222 -15.98 -14.34 -22.27
N ASP B 223 -15.24 -14.97 -21.36
CA ASP B 223 -14.15 -14.31 -20.58
C ASP B 223 -13.21 -13.63 -21.60
N TYR B 224 -12.86 -12.36 -21.36
CA TYR B 224 -11.98 -11.54 -22.24
C TYR B 224 -10.74 -11.12 -21.44
N PHE B 225 -9.64 -10.83 -22.13
CA PHE B 225 -8.35 -10.39 -21.57
C PHE B 225 -8.04 -8.98 -22.10
N VAL B 226 -7.60 -8.09 -21.21
CA VAL B 226 -7.23 -6.67 -21.49
C VAL B 226 -5.90 -6.36 -20.80
N LEU B 227 -5.10 -5.45 -21.37
CA LEU B 227 -3.80 -5.01 -20.79
C LEU B 227 -4.04 -4.01 -19.66
N THR B 228 -3.33 -4.18 -18.55
CA THR B 228 -3.48 -3.40 -17.29
C THR B 228 -2.97 -1.98 -17.51
N SER B 229 -3.87 -1.01 -17.68
CA SER B 229 -3.58 0.44 -17.85
C SER B 229 -3.62 1.12 -16.48
N HIS B 230 -2.49 1.13 -15.74
CA HIS B 230 -2.35 1.72 -14.38
C HIS B 230 -2.17 3.24 -14.52
N THR B 231 -3.03 4.03 -13.86
CA THR B 231 -2.95 5.51 -13.79
C THR B 231 -1.58 5.90 -13.20
N VAL B 232 -0.93 6.90 -13.80
CA VAL B 232 0.47 7.34 -13.48
C VAL B 232 0.43 8.44 -12.43
N MET B 233 0.72 8.11 -11.17
CA MET B 233 0.87 9.11 -10.09
C MET B 233 1.95 10.13 -10.48
N PRO B 234 1.83 11.38 -10.03
CA PRO B 234 2.91 12.35 -10.20
C PRO B 234 4.13 12.00 -9.36
N LEU B 235 5.29 12.54 -9.74
CA LEU B 235 6.58 12.39 -9.03
C LEU B 235 6.79 13.66 -8.22
N SER B 236 7.67 13.60 -7.23
CA SER B 236 8.01 14.69 -6.28
C SER B 236 9.51 14.68 -5.99
N ALA B 237 10.01 13.51 -5.59
CA ALA B 237 11.42 13.31 -5.20
C ALA B 237 12.29 13.29 -6.45
N PRO B 238 13.56 13.73 -6.37
CA PRO B 238 14.46 13.65 -7.53
C PRO B 238 14.84 12.20 -7.88
N THR B 239 15.50 12.00 -9.03
CA THR B 239 16.05 10.67 -9.43
C THR B 239 17.11 10.29 -8.40
N LEU B 240 18.04 11.23 -8.21
CA LEU B 240 19.21 11.19 -7.29
C LEU B 240 19.11 12.38 -6.36
N VAL B 241 19.04 12.14 -5.05
CA VAL B 241 19.24 13.20 -4.02
C VAL B 241 20.59 13.88 -4.32
N PRO B 242 20.80 15.18 -4.01
CA PRO B 242 22.06 15.83 -4.35
C PRO B 242 23.17 15.10 -3.59
N GLN B 243 24.39 15.06 -4.16
CA GLN B 243 25.56 14.34 -3.61
C GLN B 243 26.04 15.06 -2.35
N GLU B 244 26.29 14.32 -1.26
CA GLU B 244 27.00 14.79 -0.02
C GLU B 244 28.22 13.90 0.26
N HIS B 245 29.43 14.45 0.18
CA HIS B 245 30.67 13.78 0.64
C HIS B 245 30.95 14.19 2.09
N TYR B 246 31.35 13.23 2.92
CA TYR B 246 31.73 13.44 4.34
C TYR B 246 33.19 13.04 4.49
N VAL B 247 33.84 13.52 5.56
CA VAL B 247 35.26 13.25 5.92
C VAL B 247 35.32 12.00 6.82
N ARG B 248 34.15 11.57 7.30
CA ARG B 248 33.99 10.50 8.31
C ARG B 248 32.74 9.66 7.95
N ILE B 249 32.78 8.35 8.24
CA ILE B 249 31.63 7.41 8.09
C ILE B 249 30.44 7.99 8.87
N THR B 250 29.45 8.49 8.15
CA THR B 250 28.31 9.25 8.71
C THR B 250 27.18 8.26 9.00
N GLY B 251 26.59 8.34 10.19
CA GLY B 251 25.32 7.66 10.55
C GLY B 251 25.40 6.14 10.59
N LEU B 252 26.59 5.56 10.47
CA LEU B 252 26.79 4.08 10.45
C LEU B 252 27.96 3.73 11.37
N TYR B 253 27.97 2.50 11.89
CA TYR B 253 28.95 2.01 12.90
C TYR B 253 29.59 0.72 12.40
N PRO B 254 30.84 0.79 11.86
CA PRO B 254 31.51 -0.41 11.34
C PRO B 254 31.74 -1.50 12.42
N THR B 255 31.98 -2.75 12.00
CA THR B 255 32.49 -3.87 12.87
C THR B 255 34.02 -3.80 12.88
N LEU B 256 34.66 -4.62 13.75
CA LEU B 256 36.13 -4.86 13.80
C LEU B 256 36.40 -6.36 13.69
N ASN B 257 35.48 -7.09 13.06
CA ASN B 257 35.36 -8.57 13.15
C ASN B 257 34.61 -9.09 11.91
N ILE B 258 34.91 -8.52 10.73
CA ILE B 258 34.22 -8.84 9.43
C ILE B 258 34.90 -10.06 8.82
N SER B 259 34.15 -11.13 8.58
CA SER B 259 34.65 -12.42 8.03
C SER B 259 35.56 -12.08 6.83
N ASP B 260 36.66 -12.82 6.66
CA ASP B 260 37.65 -12.62 5.57
C ASP B 260 36.92 -12.67 4.22
N GLU B 261 35.79 -13.39 4.17
CA GLU B 261 34.94 -13.59 2.97
C GLU B 261 34.60 -12.24 2.33
N PHE B 262 34.48 -11.17 3.14
CA PHE B 262 34.04 -9.80 2.74
C PHE B 262 35.13 -8.75 2.99
N SER B 263 36.37 -9.17 3.23
CA SER B 263 37.58 -8.32 3.43
C SER B 263 37.87 -7.44 2.21
N SER B 264 37.64 -7.96 1.00
CA SER B 264 37.98 -7.28 -0.27
C SER B 264 37.12 -6.01 -0.41
N ASN B 265 35.93 -6.00 0.19
CA ASN B 265 34.91 -4.93 0.03
C ASN B 265 34.95 -3.89 1.16
N VAL B 266 36.00 -3.82 2.00
CA VAL B 266 35.97 -2.97 3.24
C VAL B 266 36.15 -1.51 2.81
N ALA B 267 37.10 -1.23 1.91
CA ALA B 267 37.42 0.15 1.45
C ALA B 267 36.17 0.75 0.76
N ASN B 268 35.51 -0.02 -0.10
CA ASN B 268 34.22 0.33 -0.76
C ASN B 268 33.11 0.54 0.29
N TYR B 269 33.08 -0.29 1.33
CA TYR B 269 32.11 -0.21 2.44
C TYR B 269 32.30 1.09 3.23
N GLN B 270 33.53 1.59 3.31
CA GLN B 270 33.89 2.87 3.98
C GLN B 270 33.57 4.04 3.04
N LYS B 271 33.68 3.88 1.72
CA LYS B 271 33.24 4.87 0.72
C LYS B 271 31.72 5.06 0.85
N VAL B 272 30.96 3.95 0.94
CA VAL B 272 29.46 3.96 1.01
C VAL B 272 29.01 4.86 2.19
N GLY B 273 29.70 4.77 3.33
CA GLY B 273 29.38 5.50 4.59
C GLY B 273 29.89 6.95 4.59
N MET B 274 30.83 7.30 3.71
CA MET B 274 31.43 8.66 3.60
C MET B 274 30.89 9.43 2.39
N GLN B 275 29.67 9.09 1.94
CA GLN B 275 28.95 9.71 0.79
C GLN B 275 27.45 9.50 1.01
N LYS B 276 26.60 10.32 0.39
CA LYS B 276 25.13 10.20 0.49
C LYS B 276 24.69 8.98 -0.35
N TYR B 277 24.96 9.02 -1.65
CA TYR B 277 24.66 7.91 -2.59
C TYR B 277 26.00 7.44 -3.18
N SER B 278 26.03 6.17 -3.60
CA SER B 278 27.21 5.56 -4.24
C SER B 278 26.79 4.65 -5.41
N THR B 279 27.61 4.62 -6.47
CA THR B 279 27.46 3.77 -7.68
C THR B 279 28.49 2.63 -7.66
N LEU B 280 28.00 1.39 -7.71
CA LEU B 280 28.81 0.17 -8.00
C LEU B 280 28.48 -0.41 -9.40
N GLN B 281 29.46 -0.37 -10.33
CA GLN B 281 29.42 -1.15 -11.58
C GLN B 281 30.09 -2.49 -11.32
N GLY B 282 29.28 -3.54 -11.25
CA GLY B 282 29.73 -4.94 -11.12
C GLY B 282 29.31 -5.76 -12.34
N PRO B 283 30.21 -5.94 -13.34
CA PRO B 283 30.04 -6.91 -14.43
C PRO B 283 29.56 -8.26 -13.92
N PRO B 284 29.14 -9.17 -14.82
CA PRO B 284 28.57 -10.44 -14.39
C PRO B 284 29.55 -11.27 -13.56
N GLY B 285 29.03 -11.86 -12.48
CA GLY B 285 29.69 -12.82 -11.59
C GLY B 285 30.84 -12.20 -10.84
N THR B 286 30.78 -10.90 -10.52
CA THR B 286 31.90 -10.15 -9.88
C THR B 286 31.64 -9.93 -8.38
N GLY B 287 30.46 -10.33 -7.88
CA GLY B 287 30.11 -10.27 -6.45
C GLY B 287 29.28 -9.05 -6.08
N LYS B 288 28.29 -8.69 -6.89
CA LYS B 288 27.34 -7.59 -6.56
C LYS B 288 26.50 -8.06 -5.37
N SER B 289 25.86 -9.21 -5.51
CA SER B 289 25.06 -9.86 -4.42
C SER B 289 25.92 -9.96 -3.15
N HIS B 290 27.19 -10.35 -3.31
CA HIS B 290 28.18 -10.49 -2.22
C HIS B 290 28.42 -9.11 -1.61
N PHE B 291 28.65 -8.09 -2.44
CA PHE B 291 28.87 -6.70 -1.98
C PHE B 291 27.67 -6.20 -1.16
N ALA B 292 26.45 -6.39 -1.68
CA ALA B 292 25.20 -5.86 -1.07
C ALA B 292 25.00 -6.46 0.33
N ILE B 293 25.09 -7.79 0.44
CA ILE B 293 24.87 -8.54 1.71
C ILE B 293 26.06 -8.26 2.63
N GLY B 294 27.26 -8.15 2.07
CA GLY B 294 28.49 -7.85 2.83
C GLY B 294 28.42 -6.49 3.51
N LEU B 295 27.61 -5.59 2.97
CA LEU B 295 27.41 -4.23 3.52
C LEU B 295 26.74 -4.36 4.89
N ALA B 296 25.79 -5.28 5.00
CA ALA B 296 24.93 -5.47 6.20
C ALA B 296 25.81 -6.00 7.34
N LEU B 297 26.81 -6.82 7.00
CA LEU B 297 27.76 -7.45 7.97
C LEU B 297 28.78 -6.40 8.42
N TYR B 298 29.18 -5.48 7.55
CA TYR B 298 30.18 -4.43 7.90
C TYR B 298 29.49 -3.30 8.68
N TYR B 299 28.17 -3.12 8.52
CA TYR B 299 27.33 -2.17 9.28
C TYR B 299 26.20 -2.95 9.95
N PRO B 300 26.53 -3.81 10.94
CA PRO B 300 25.64 -4.89 11.39
C PRO B 300 24.38 -4.45 12.13
N SER B 301 24.38 -3.20 12.62
CA SER B 301 23.29 -2.53 13.38
C SER B 301 22.34 -1.80 12.43
N ALA B 302 22.86 -1.31 11.30
CA ALA B 302 22.15 -0.54 10.25
C ALA B 302 20.94 -1.32 9.73
N ARG B 303 19.83 -0.62 9.58
CA ARG B 303 18.61 -1.08 8.86
C ARG B 303 18.85 -0.82 7.37
N ILE B 304 18.71 -1.88 6.57
CA ILE B 304 18.99 -1.84 5.11
C ILE B 304 17.72 -2.30 4.37
N VAL B 305 17.29 -1.47 3.42
CA VAL B 305 16.23 -1.84 2.47
C VAL B 305 16.91 -2.24 1.14
N TYR B 306 16.60 -3.46 0.72
CA TYR B 306 17.08 -4.10 -0.53
C TYR B 306 15.93 -4.03 -1.54
N THR B 307 16.12 -3.25 -2.60
CA THR B 307 15.06 -3.03 -3.63
C THR B 307 15.66 -3.23 -5.03
N ALA B 308 14.79 -3.64 -5.95
CA ALA B 308 15.01 -3.75 -7.42
C ALA B 308 13.63 -3.73 -8.12
N CYS B 309 13.58 -3.39 -9.41
CA CYS B 309 12.32 -3.27 -10.17
C CYS B 309 11.62 -4.62 -10.24
N SER B 310 12.37 -5.72 -10.40
CA SER B 310 11.83 -7.09 -10.64
C SER B 310 11.84 -7.90 -9.34
N HIS B 311 10.91 -8.86 -9.24
CA HIS B 311 10.81 -9.86 -8.15
C HIS B 311 12.05 -10.77 -8.16
N ALA B 312 12.50 -11.20 -9.35
CA ALA B 312 13.66 -12.10 -9.52
C ALA B 312 14.93 -11.47 -8.90
N ALA B 313 15.12 -10.16 -9.04
CA ALA B 313 16.34 -9.48 -8.55
C ALA B 313 16.30 -9.34 -7.02
N VAL B 314 15.09 -9.16 -6.46
CA VAL B 314 14.85 -9.01 -4.99
C VAL B 314 14.92 -10.40 -4.35
N ASP B 315 14.42 -11.42 -5.05
CA ASP B 315 14.49 -12.86 -4.69
C ASP B 315 15.95 -13.32 -4.68
N ALA B 316 16.76 -12.87 -5.64
CA ALA B 316 18.23 -13.09 -5.68
C ALA B 316 18.86 -12.53 -4.40
N LEU B 317 18.58 -11.27 -4.07
CA LEU B 317 19.22 -10.63 -2.89
C LEU B 317 18.84 -11.39 -1.61
N CYS B 318 17.68 -12.07 -1.61
CA CYS B 318 17.12 -12.78 -0.42
C CYS B 318 17.89 -14.08 -0.18
N GLU B 319 18.07 -14.86 -1.26
CA GLU B 319 18.87 -16.11 -1.27
C GLU B 319 20.24 -15.79 -0.68
N LYS B 320 20.90 -14.75 -1.19
CA LYS B 320 22.22 -14.32 -0.66
C LYS B 320 22.05 -13.90 0.79
N ALA B 321 20.98 -13.19 1.13
CA ALA B 321 20.72 -12.77 2.52
C ALA B 321 20.59 -14.02 3.39
N LEU B 322 19.80 -15.01 2.94
CA LEU B 322 19.53 -16.26 3.72
C LEU B 322 20.83 -16.98 4.09
N LYS B 323 21.90 -16.84 3.29
CA LYS B 323 23.21 -17.47 3.54
C LYS B 323 23.99 -16.74 4.64
N TYR B 324 23.80 -15.43 4.85
CA TYR B 324 24.74 -14.62 5.67
C TYR B 324 24.07 -13.83 6.81
N LEU B 325 22.76 -13.54 6.73
CA LEU B 325 22.09 -12.60 7.67
C LEU B 325 21.07 -13.36 8.49
N PRO B 326 20.88 -13.03 9.78
CA PRO B 326 19.90 -13.73 10.61
C PRO B 326 18.48 -13.65 10.03
N ILE B 327 17.80 -14.79 9.92
CA ILE B 327 16.48 -14.96 9.24
C ILE B 327 15.36 -14.23 10.04
N ASP B 328 15.56 -14.04 11.34
CA ASP B 328 14.59 -13.38 12.27
C ASP B 328 14.47 -11.89 11.93
N LYS B 329 15.50 -11.30 11.30
CA LYS B 329 15.62 -9.83 11.07
C LYS B 329 15.49 -9.51 9.57
N CYS B 330 14.86 -10.39 8.80
CA CYS B 330 14.65 -10.28 7.33
C CYS B 330 13.16 -10.38 7.00
N SER B 331 12.63 -9.44 6.23
CA SER B 331 11.26 -9.53 5.68
C SER B 331 11.27 -9.29 4.16
N ARG B 332 10.53 -10.15 3.46
CA ARG B 332 10.19 -10.06 2.01
C ARG B 332 8.81 -9.42 1.89
N ILE B 333 8.73 -8.17 1.41
CA ILE B 333 7.47 -7.40 1.21
C ILE B 333 6.84 -7.87 -0.10
N ILE B 334 5.56 -8.27 -0.07
CA ILE B 334 4.86 -8.88 -1.24
C ILE B 334 3.51 -8.20 -1.44
N PRO B 335 3.29 -7.48 -2.56
CA PRO B 335 2.07 -6.69 -2.76
C PRO B 335 0.85 -7.60 -2.57
N ALA B 336 -0.17 -7.10 -1.87
CA ALA B 336 -1.40 -7.81 -1.46
C ALA B 336 -2.06 -8.46 -2.68
N ARG B 337 -1.87 -7.87 -3.87
CA ARG B 337 -2.26 -8.40 -5.20
C ARG B 337 -1.06 -9.13 -5.81
N ALA B 338 -0.60 -10.21 -5.15
CA ALA B 338 0.63 -10.96 -5.49
C ALA B 338 0.52 -11.52 -6.92
N ARG B 339 1.57 -11.32 -7.73
CA ARG B 339 1.56 -11.47 -9.21
C ARG B 339 2.44 -12.65 -9.65
N VAL B 340 3.38 -13.08 -8.80
CA VAL B 340 4.32 -14.22 -9.02
C VAL B 340 4.53 -14.93 -7.68
N GLU B 341 5.24 -16.06 -7.70
CA GLU B 341 5.83 -16.68 -6.49
C GLU B 341 7.12 -15.92 -6.17
N CYS B 342 7.31 -15.52 -4.90
CA CYS B 342 8.52 -14.86 -4.36
C CYS B 342 9.14 -15.72 -3.26
N PHE B 343 10.31 -15.31 -2.81
CA PHE B 343 11.03 -15.86 -1.63
C PHE B 343 10.03 -16.12 -0.49
N ASP B 344 9.95 -17.38 0.01
CA ASP B 344 9.02 -17.82 1.08
C ASP B 344 9.77 -18.07 2.41
N LYS B 345 11.11 -18.03 2.42
CA LYS B 345 11.96 -18.38 3.60
C LYS B 345 12.11 -17.19 4.56
N PHE B 346 11.44 -16.06 4.32
CA PHE B 346 11.45 -14.91 5.27
C PHE B 346 10.05 -14.69 5.84
N LYS B 347 9.94 -13.95 6.96
CA LYS B 347 8.65 -13.36 7.44
C LYS B 347 8.13 -12.44 6.33
N VAL B 348 6.89 -12.65 5.88
CA VAL B 348 6.24 -11.85 4.79
C VAL B 348 5.61 -10.58 5.36
N ASN B 349 5.96 -9.41 4.79
CA ASN B 349 5.24 -8.11 4.96
C ASN B 349 5.51 -7.49 6.35
N SER B 350 6.52 -7.95 7.10
CA SER B 350 6.98 -7.26 8.33
C SER B 350 7.91 -6.11 7.95
N THR B 351 7.32 -4.99 7.56
CA THR B 351 7.98 -3.71 7.19
C THR B 351 9.05 -3.26 8.20
N LEU B 352 8.97 -3.67 9.46
CA LEU B 352 9.80 -3.06 10.53
C LEU B 352 11.03 -3.91 10.84
N GLU B 353 11.29 -4.99 10.07
CA GLU B 353 12.49 -5.84 10.25
C GLU B 353 13.74 -5.01 9.90
N GLN B 354 14.92 -5.37 10.43
CA GLN B 354 16.19 -4.63 10.13
C GLN B 354 16.51 -4.71 8.62
N TYR B 355 16.11 -5.83 7.98
CA TYR B 355 16.40 -6.14 6.55
C TYR B 355 15.06 -6.31 5.82
N VAL B 356 14.83 -5.46 4.81
CA VAL B 356 13.57 -5.45 4.02
C VAL B 356 13.88 -5.62 2.52
N PHE B 357 13.21 -6.59 1.88
CA PHE B 357 13.46 -7.03 0.49
C PHE B 357 12.18 -6.78 -0.30
N CYS B 358 12.15 -5.68 -1.03
CA CYS B 358 10.92 -5.20 -1.73
C CYS B 358 11.23 -4.68 -3.14
N THR B 359 10.40 -5.10 -4.11
CA THR B 359 10.28 -4.47 -5.45
C THR B 359 9.84 -3.01 -5.24
N VAL B 360 10.47 -2.09 -5.98
CA VAL B 360 10.18 -0.62 -6.05
C VAL B 360 8.66 -0.36 -5.97
N ASN B 361 7.86 -1.05 -6.76
CA ASN B 361 6.43 -0.72 -6.99
C ASN B 361 5.55 -1.32 -5.88
N ALA B 362 6.17 -1.82 -4.81
CA ALA B 362 5.49 -2.26 -3.56
C ALA B 362 6.13 -1.56 -2.36
N LEU B 363 7.14 -0.70 -2.57
CA LEU B 363 7.92 -0.14 -1.44
C LEU B 363 6.94 0.55 -0.50
N PRO B 364 7.01 0.31 0.82
CA PRO B 364 6.28 1.14 1.77
C PRO B 364 6.98 2.50 1.92
N GLU B 365 6.35 3.41 2.66
CA GLU B 365 6.99 4.67 3.12
C GLU B 365 7.70 4.33 4.42
N THR B 366 9.02 4.43 4.43
CA THR B 366 9.86 4.14 5.62
C THR B 366 11.18 4.91 5.50
N THR B 367 12.04 4.69 6.48
CA THR B 367 13.39 5.30 6.57
C THR B 367 14.38 4.15 6.64
N ALA B 368 15.67 4.47 6.52
CA ALA B 368 16.75 3.47 6.51
C ALA B 368 18.10 4.16 6.68
N ASP B 369 19.08 3.41 7.17
CA ASP B 369 20.49 3.88 7.26
C ASP B 369 21.08 3.73 5.85
N ILE B 370 20.82 2.58 5.22
CA ILE B 370 21.26 2.23 3.85
C ILE B 370 20.06 1.67 3.07
N VAL B 371 19.84 2.24 1.89
CA VAL B 371 19.02 1.65 0.78
C VAL B 371 20.02 1.11 -0.26
N VAL B 372 19.87 -0.17 -0.62
CA VAL B 372 20.57 -0.81 -1.78
C VAL B 372 19.54 -1.05 -2.87
N PHE B 373 19.73 -0.35 -3.99
CA PHE B 373 18.96 -0.49 -5.25
C PHE B 373 19.85 -1.26 -6.23
N ASP B 374 19.38 -2.46 -6.57
CA ASP B 374 20.12 -3.47 -7.38
C ASP B 374 19.52 -3.47 -8.80
N GLU B 375 20.25 -4.07 -9.75
CA GLU B 375 19.90 -4.26 -11.19
C GLU B 375 19.54 -2.90 -11.78
N ILE B 376 20.47 -1.94 -11.62
CA ILE B 376 20.20 -0.50 -11.83
C ILE B 376 20.07 -0.23 -13.33
N SER B 377 20.64 -1.06 -14.18
CA SER B 377 20.46 -0.93 -15.64
C SER B 377 18.95 -1.07 -15.97
N MET B 378 18.20 -1.88 -15.24
CA MET B 378 16.74 -2.12 -15.48
C MET B 378 15.86 -1.00 -14.87
N ALA B 379 16.42 -0.03 -14.18
CA ALA B 379 15.61 1.03 -13.54
C ALA B 379 15.36 2.12 -14.56
N THR B 380 14.16 2.70 -14.55
CA THR B 380 13.76 3.97 -15.24
C THR B 380 13.96 5.15 -14.27
N ASN B 381 14.03 6.37 -14.80
CA ASN B 381 14.03 7.60 -13.96
C ASN B 381 12.76 7.66 -13.08
N TYR B 382 11.61 7.19 -13.60
CA TYR B 382 10.39 7.01 -12.78
C TYR B 382 10.74 6.19 -11.53
N ASP B 383 11.35 5.02 -11.70
CA ASP B 383 11.75 4.09 -10.60
C ASP B 383 12.68 4.79 -9.61
N LEU B 384 13.75 5.44 -10.08
CA LEU B 384 14.71 6.20 -9.24
C LEU B 384 13.98 7.25 -8.38
N SER B 385 13.01 7.96 -8.96
CA SER B 385 12.16 8.96 -8.25
C SER B 385 11.32 8.27 -7.15
N VAL B 386 10.59 7.20 -7.46
CA VAL B 386 9.65 6.54 -6.50
C VAL B 386 10.44 6.04 -5.29
N VAL B 387 11.66 5.56 -5.51
CA VAL B 387 12.52 5.04 -4.41
C VAL B 387 12.74 6.23 -3.46
N ASN B 388 13.29 7.34 -3.97
CA ASN B 388 13.66 8.54 -3.18
C ASN B 388 12.42 9.12 -2.48
N ALA B 389 11.24 8.91 -3.07
CA ALA B 389 9.92 9.39 -2.58
C ALA B 389 9.40 8.54 -1.43
N ARG B 390 9.82 7.28 -1.34
CA ARG B 390 9.24 6.29 -0.39
C ARG B 390 10.25 5.92 0.71
N LEU B 391 11.55 6.18 0.49
CA LEU B 391 12.65 5.81 1.42
C LEU B 391 13.49 7.06 1.73
N ARG B 392 13.37 7.56 2.95
CA ARG B 392 14.35 8.51 3.56
C ARG B 392 15.45 7.68 4.23
N ALA B 393 16.70 7.92 3.85
CA ALA B 393 17.85 7.05 4.18
C ALA B 393 19.13 7.87 4.24
N LYS B 394 20.11 7.43 5.05
CA LYS B 394 21.41 8.15 5.28
C LYS B 394 22.32 7.96 4.06
N HIS B 395 22.31 6.73 3.51
CA HIS B 395 23.09 6.32 2.31
C HIS B 395 22.21 5.51 1.35
N TYR B 396 22.28 5.86 0.06
CA TYR B 396 21.66 5.15 -1.08
C TYR B 396 22.78 4.42 -1.83
N VAL B 397 22.64 3.11 -2.09
CA VAL B 397 23.66 2.37 -2.88
C VAL B 397 23.01 1.80 -4.15
N TYR B 398 23.56 2.22 -5.29
CA TYR B 398 23.10 1.86 -6.65
C TYR B 398 24.06 0.83 -7.24
N ILE B 399 23.54 -0.39 -7.40
CA ILE B 399 24.29 -1.59 -7.88
C ILE B 399 23.68 -2.06 -9.22
N GLY B 400 24.51 -2.05 -10.27
CA GLY B 400 24.29 -2.85 -11.48
C GLY B 400 25.43 -2.65 -12.46
N ASP B 401 25.12 -2.80 -13.74
CA ASP B 401 26.09 -2.72 -14.86
C ASP B 401 25.39 -2.05 -16.01
N PRO B 402 25.88 -0.89 -16.51
CA PRO B 402 25.34 -0.28 -17.72
C PRO B 402 25.64 -1.12 -18.98
N ALA B 403 26.58 -2.06 -18.91
CA ALA B 403 26.90 -3.00 -20.00
C ALA B 403 25.84 -4.11 -20.09
N GLN B 404 24.85 -4.09 -19.20
CA GLN B 404 23.74 -5.06 -19.26
C GLN B 404 22.48 -4.36 -19.77
N LEU B 405 21.35 -5.07 -19.69
CA LEU B 405 20.11 -4.71 -20.41
C LEU B 405 19.29 -3.69 -19.62
N PRO B 406 18.72 -2.71 -20.35
CA PRO B 406 17.82 -1.71 -19.76
C PRO B 406 16.36 -2.19 -19.78
N ALA B 407 15.46 -1.48 -19.10
CA ALA B 407 14.01 -1.73 -19.21
C ALA B 407 13.59 -1.60 -20.66
N PRO B 408 12.66 -2.46 -21.14
CA PRO B 408 12.03 -2.25 -22.43
C PRO B 408 11.30 -0.91 -22.46
N ARG B 409 11.63 -0.05 -23.44
CA ARG B 409 10.86 1.18 -23.82
C ARG B 409 9.84 0.78 -24.89
N THR B 410 8.66 0.32 -24.47
CA THR B 410 7.65 -0.24 -25.39
C THR B 410 7.29 0.77 -26.49
N LEU B 411 7.46 2.09 -26.27
CA LEU B 411 7.14 3.12 -27.30
C LEU B 411 8.31 3.36 -28.25
N LEU B 412 9.56 3.16 -27.82
CA LEU B 412 10.77 3.44 -28.64
C LEU B 412 10.88 2.45 -29.80
N THR B 413 10.78 2.93 -31.04
CA THR B 413 10.95 2.13 -32.29
C THR B 413 12.06 2.70 -33.18
N LYS B 414 12.44 3.95 -32.99
CA LYS B 414 13.43 4.62 -33.87
C LYS B 414 14.68 4.98 -33.06
N GLY B 415 15.83 4.44 -33.44
CA GLY B 415 17.11 4.68 -32.77
C GLY B 415 17.31 3.71 -31.62
N THR B 416 18.55 3.64 -31.16
CA THR B 416 19.00 2.71 -30.10
C THR B 416 19.40 3.56 -28.89
N LEU B 417 18.86 3.17 -27.74
CA LEU B 417 19.05 3.83 -26.43
C LEU B 417 20.40 3.37 -25.84
N GLU B 418 21.43 4.21 -25.91
CA GLU B 418 22.77 3.85 -25.38
C GLU B 418 22.72 3.76 -23.85
N PRO B 419 23.63 2.99 -23.21
CA PRO B 419 23.68 2.84 -21.74
C PRO B 419 23.73 4.14 -20.93
N GLU B 420 24.41 5.18 -21.45
CA GLU B 420 24.52 6.49 -20.76
C GLU B 420 23.18 7.23 -20.70
N TYR B 421 22.12 6.71 -21.33
CA TYR B 421 20.75 7.32 -21.33
C TYR B 421 19.73 6.40 -20.66
N PHE B 422 20.18 5.28 -20.08
CA PHE B 422 19.32 4.25 -19.42
C PHE B 422 18.57 4.92 -18.27
N ASN B 423 19.28 5.68 -17.45
CA ASN B 423 18.74 6.42 -16.28
C ASN B 423 19.85 7.30 -15.72
N SER B 424 19.56 8.13 -14.71
CA SER B 424 20.53 9.08 -14.08
C SER B 424 21.77 8.34 -13.56
N VAL B 425 21.59 7.17 -12.94
CA VAL B 425 22.70 6.37 -12.35
C VAL B 425 23.61 5.87 -13.48
N CYS B 426 23.04 5.20 -14.50
CA CYS B 426 23.83 4.69 -15.64
C CYS B 426 24.54 5.85 -16.30
N ARG B 427 23.88 7.00 -16.41
CA ARG B 427 24.49 8.20 -17.03
C ARG B 427 25.74 8.58 -16.23
N LEU B 428 25.63 8.63 -14.90
CA LEU B 428 26.81 9.00 -14.06
C LEU B 428 27.87 7.93 -14.25
N MET B 429 27.50 6.64 -14.26
CA MET B 429 28.44 5.52 -14.47
C MET B 429 29.14 5.66 -15.83
N LYS B 430 28.49 6.18 -16.87
CA LYS B 430 29.08 6.19 -18.24
C LYS B 430 29.87 7.47 -18.50
N THR B 431 29.74 8.50 -17.67
CA THR B 431 30.39 9.83 -17.90
C THR B 431 31.59 9.98 -16.96
N ILE B 432 31.31 10.22 -15.67
CA ILE B 432 32.33 10.44 -14.59
C ILE B 432 32.77 9.09 -14.01
N GLY B 433 32.09 8.00 -14.38
CA GLY B 433 32.48 6.65 -13.96
C GLY B 433 31.77 6.25 -12.68
N PRO B 434 31.74 4.94 -12.34
CA PRO B 434 31.06 4.48 -11.13
C PRO B 434 32.00 4.76 -9.94
N ASP B 435 31.43 4.92 -8.74
CA ASP B 435 32.25 5.14 -7.51
C ASP B 435 33.15 3.92 -7.27
N MET B 436 32.65 2.72 -7.57
CA MET B 436 33.34 1.45 -7.28
C MET B 436 33.09 0.50 -8.46
N PHE B 437 34.12 -0.25 -8.88
CA PHE B 437 34.05 -1.25 -9.99
C PHE B 437 34.57 -2.59 -9.47
N LEU B 438 33.72 -3.63 -9.45
CA LEU B 438 34.16 -5.04 -9.29
C LEU B 438 34.79 -5.53 -10.61
N GLY B 439 36.07 -5.84 -10.60
CA GLY B 439 36.90 -5.94 -11.82
C GLY B 439 37.28 -7.36 -12.19
N THR B 440 36.93 -8.38 -11.38
CA THR B 440 37.30 -9.77 -11.66
C THR B 440 36.03 -10.62 -11.63
N CYS B 441 35.79 -11.32 -12.74
CA CYS B 441 34.66 -12.27 -12.96
C CYS B 441 35.07 -13.65 -12.46
N ARG B 442 34.31 -14.24 -11.54
CA ARG B 442 34.59 -15.56 -10.92
C ARG B 442 33.53 -16.56 -11.41
N ARG B 443 32.76 -16.20 -12.43
CA ARG B 443 31.74 -17.13 -13.01
C ARG B 443 32.27 -17.78 -14.29
N CYS B 444 32.88 -17.01 -15.19
CA CYS B 444 32.90 -17.39 -16.62
C CYS B 444 34.29 -17.88 -17.00
N PRO B 445 34.36 -18.93 -17.84
CA PRO B 445 35.59 -19.29 -18.53
C PRO B 445 36.27 -18.08 -19.16
N ALA B 446 37.59 -17.97 -19.01
CA ALA B 446 38.39 -16.85 -19.56
C ALA B 446 37.93 -16.46 -20.97
N GLU B 447 37.59 -17.43 -21.84
CA GLU B 447 37.20 -17.16 -23.26
C GLU B 447 36.07 -16.11 -23.24
N ILE B 448 35.09 -16.31 -22.37
CA ILE B 448 33.91 -15.40 -22.23
C ILE B 448 34.32 -14.09 -21.58
N VAL B 449 35.14 -14.14 -20.52
CA VAL B 449 35.60 -12.91 -19.82
C VAL B 449 36.47 -12.06 -20.76
N ASP B 450 37.41 -12.69 -21.47
CA ASP B 450 38.31 -11.97 -22.41
C ASP B 450 37.44 -11.29 -23.48
N THR B 451 36.37 -11.95 -23.95
CA THR B 451 35.50 -11.41 -25.04
C THR B 451 34.74 -10.19 -24.54
N VAL B 452 33.98 -10.31 -23.45
CA VAL B 452 33.14 -9.17 -22.98
C VAL B 452 34.05 -8.04 -22.45
N SER B 453 35.17 -8.36 -21.78
CA SER B 453 36.13 -7.36 -21.25
C SER B 453 36.51 -6.41 -22.38
N ALA B 454 36.83 -6.95 -23.56
CA ALA B 454 37.20 -6.16 -24.74
C ALA B 454 35.98 -5.40 -25.30
N LEU B 455 34.80 -6.03 -25.31
CA LEU B 455 33.57 -5.54 -26.00
C LEU B 455 32.95 -4.37 -25.23
N VAL B 456 32.79 -4.47 -23.89
CA VAL B 456 31.95 -3.49 -23.14
C VAL B 456 32.63 -2.95 -21.88
N TYR B 457 33.82 -3.42 -21.52
CA TYR B 457 34.45 -3.05 -20.23
C TYR B 457 35.83 -2.40 -20.44
N ASP B 458 36.16 -1.97 -21.67
CA ASP B 458 37.47 -1.34 -21.99
C ASP B 458 38.59 -2.17 -21.32
N ASN B 459 38.56 -3.49 -21.49
CA ASN B 459 39.65 -4.41 -21.06
C ASN B 459 39.84 -4.38 -19.53
N LYS B 460 38.94 -3.76 -18.78
CA LYS B 460 39.09 -3.64 -17.30
C LYS B 460 38.55 -4.90 -16.60
N LEU B 461 37.86 -5.80 -17.31
CA LEU B 461 37.28 -7.01 -16.64
C LEU B 461 38.28 -8.15 -16.75
N LYS B 462 38.73 -8.66 -15.60
CA LYS B 462 39.78 -9.70 -15.50
C LYS B 462 39.12 -11.05 -15.21
N ALA B 463 39.71 -12.12 -15.72
CA ALA B 463 39.22 -13.50 -15.60
C ALA B 463 39.86 -14.13 -14.37
N HIS B 464 39.06 -14.69 -13.47
CA HIS B 464 39.56 -15.53 -12.38
C HIS B 464 39.84 -16.93 -12.92
N LYS B 465 38.85 -17.54 -13.58
CA LYS B 465 38.91 -18.93 -14.09
C LYS B 465 39.87 -19.01 -15.27
N ASP B 466 40.42 -20.21 -15.50
CA ASP B 466 41.21 -20.56 -16.71
C ASP B 466 40.23 -20.63 -17.88
N LYS B 467 40.75 -20.60 -19.11
CA LYS B 467 39.99 -21.03 -20.32
C LYS B 467 39.42 -22.43 -20.03
N SER B 468 38.11 -22.66 -20.22
CA SER B 468 37.47 -23.99 -20.05
C SER B 468 37.74 -24.92 -21.25
N ALA B 469 38.11 -24.37 -22.42
CA ALA B 469 38.17 -25.10 -23.72
C ALA B 469 36.84 -25.80 -24.05
N GLN B 470 35.72 -25.26 -23.54
CA GLN B 470 34.31 -25.69 -23.78
C GLN B 470 33.44 -24.51 -24.25
N CYS B 471 34.06 -23.51 -24.86
CA CYS B 471 33.39 -22.34 -25.46
C CYS B 471 33.62 -22.41 -26.97
N PHE B 472 32.53 -22.61 -27.71
CA PHE B 472 32.52 -22.85 -29.17
C PHE B 472 31.63 -21.80 -29.83
N LYS B 473 32.07 -21.32 -30.98
CA LYS B 473 31.31 -20.40 -31.85
C LYS B 473 31.10 -21.11 -33.19
N MET B 474 29.99 -20.89 -33.86
CA MET B 474 29.81 -21.44 -35.23
C MET B 474 29.08 -20.40 -36.05
N PHE B 475 29.66 -19.98 -37.16
CA PHE B 475 29.04 -18.97 -38.04
C PHE B 475 28.09 -19.75 -38.96
N TYR B 476 26.79 -19.68 -38.69
CA TYR B 476 25.73 -20.39 -39.47
C TYR B 476 24.47 -19.53 -39.57
N LYS B 477 24.30 -18.83 -40.69
CA LYS B 477 23.21 -17.82 -40.86
C LYS B 477 21.86 -18.53 -40.94
N GLY B 478 21.81 -19.72 -41.49
CA GLY B 478 20.56 -20.50 -41.48
C GLY B 478 19.51 -19.81 -42.32
N VAL B 479 18.27 -19.82 -41.84
CA VAL B 479 17.07 -19.36 -42.59
C VAL B 479 16.17 -18.74 -41.53
N ILE B 480 15.71 -17.51 -41.76
CA ILE B 480 15.00 -16.73 -40.73
C ILE B 480 13.54 -16.74 -41.16
N THR B 481 12.69 -17.33 -40.33
CA THR B 481 11.22 -17.27 -40.43
C THR B 481 10.74 -16.40 -39.28
N HIS B 482 9.49 -15.95 -39.33
CA HIS B 482 8.91 -15.01 -38.34
C HIS B 482 7.51 -15.47 -37.98
N ASP B 483 7.24 -15.59 -36.69
CA ASP B 483 5.88 -15.74 -36.09
C ASP B 483 5.45 -14.32 -35.70
N VAL B 484 4.81 -13.61 -36.64
CA VAL B 484 4.54 -12.14 -36.61
C VAL B 484 5.87 -11.42 -36.86
N SER B 485 6.45 -10.81 -35.82
CA SER B 485 7.75 -10.08 -35.86
C SER B 485 8.83 -10.85 -35.09
N SER B 486 8.43 -11.78 -34.21
CA SER B 486 9.36 -12.65 -33.44
C SER B 486 10.01 -13.67 -34.39
N ALA B 487 11.35 -13.78 -34.30
CA ALA B 487 12.22 -14.49 -35.27
C ALA B 487 12.40 -15.97 -34.86
N ILE B 488 12.59 -16.81 -35.87
CA ILE B 488 12.85 -18.27 -35.75
C ILE B 488 13.95 -18.64 -36.76
N ASN B 489 14.85 -19.51 -36.36
CA ASN B 489 15.93 -20.05 -37.23
C ASN B 489 16.02 -21.56 -36.98
N ARG B 490 15.20 -22.33 -37.68
CA ARG B 490 15.14 -23.81 -37.57
C ARG B 490 16.52 -24.39 -37.88
N PRO B 491 17.18 -24.04 -39.00
CA PRO B 491 18.52 -24.56 -39.26
C PRO B 491 19.50 -24.33 -38.10
N GLN B 492 19.39 -23.21 -37.38
CA GLN B 492 20.30 -22.93 -36.24
C GLN B 492 19.98 -23.93 -35.12
N ILE B 493 18.72 -24.27 -34.92
CA ILE B 493 18.31 -25.31 -33.94
C ILE B 493 18.78 -26.68 -34.45
N GLY B 494 18.78 -26.92 -35.75
CA GLY B 494 19.18 -28.20 -36.33
C GLY B 494 20.65 -28.47 -36.11
N VAL B 495 21.50 -27.47 -36.38
CA VAL B 495 22.95 -27.48 -36.01
C VAL B 495 23.12 -27.83 -34.52
N VAL B 496 22.30 -27.26 -33.63
CA VAL B 496 22.39 -27.49 -32.15
C VAL B 496 22.10 -28.96 -31.87
N ARG B 497 20.98 -29.48 -32.39
CA ARG B 497 20.60 -30.91 -32.31
C ARG B 497 21.78 -31.78 -32.78
N GLU B 498 22.42 -31.45 -33.91
CA GLU B 498 23.58 -32.23 -34.40
C GLU B 498 24.66 -32.24 -33.31
N PHE B 499 25.07 -31.07 -32.83
CA PHE B 499 26.09 -30.88 -31.78
C PHE B 499 25.80 -31.75 -30.56
N LEU B 500 24.54 -31.78 -30.11
CA LEU B 500 24.14 -32.44 -28.84
C LEU B 500 24.40 -33.94 -28.88
N THR B 501 24.19 -34.59 -30.04
CA THR B 501 24.37 -36.06 -30.20
C THR B 501 25.83 -36.41 -29.92
N ARG B 502 26.77 -35.52 -30.27
CA ARG B 502 28.24 -35.73 -30.19
C ARG B 502 28.81 -35.12 -28.90
N ASN B 503 27.99 -34.44 -28.11
CA ASN B 503 28.48 -33.61 -26.99
C ASN B 503 27.54 -33.80 -25.79
N PRO B 504 27.41 -35.04 -25.24
CA PRO B 504 26.30 -35.37 -24.33
C PRO B 504 26.35 -34.59 -23.02
N ALA B 505 27.51 -34.03 -22.63
CA ALA B 505 27.67 -33.22 -21.39
C ALA B 505 26.77 -31.97 -21.45
N TRP B 506 26.38 -31.53 -22.66
CA TRP B 506 25.56 -30.31 -22.90
C TRP B 506 24.07 -30.63 -22.85
N ARG B 507 23.71 -31.87 -22.54
CA ARG B 507 22.29 -32.32 -22.57
C ARG B 507 21.51 -31.51 -21.53
N LYS B 508 22.22 -30.97 -20.54
CA LYS B 508 21.66 -30.21 -19.40
C LYS B 508 21.62 -28.71 -19.74
N ALA B 509 22.30 -28.27 -20.81
CA ALA B 509 22.46 -26.85 -21.20
C ALA B 509 21.11 -26.12 -21.21
N VAL B 510 21.12 -24.86 -20.82
CA VAL B 510 20.02 -23.87 -21.07
C VAL B 510 20.16 -23.37 -22.50
N PHE B 511 19.08 -23.42 -23.29
CA PHE B 511 19.00 -22.83 -24.66
C PHE B 511 18.62 -21.35 -24.53
N ILE B 512 19.41 -20.45 -25.12
CA ILE B 512 19.19 -18.99 -25.01
C ILE B 512 19.21 -18.40 -26.41
N SER B 513 18.28 -17.49 -26.70
CA SER B 513 18.19 -16.74 -27.97
C SER B 513 17.53 -15.40 -27.67
N PRO B 514 17.69 -14.43 -28.56
CA PRO B 514 17.03 -13.14 -28.38
C PRO B 514 15.52 -13.14 -28.65
N TYR B 515 14.91 -14.27 -29.05
CA TYR B 515 13.49 -14.34 -29.50
C TYR B 515 12.75 -15.50 -28.84
N ASN B 516 11.57 -15.21 -28.26
CA ASN B 516 10.66 -16.21 -27.65
C ASN B 516 10.31 -17.29 -28.67
N SER B 517 10.01 -16.91 -29.89
CA SER B 517 9.54 -17.89 -30.90
C SER B 517 10.66 -18.90 -31.17
N GLN B 518 11.90 -18.46 -31.37
CA GLN B 518 13.07 -19.39 -31.47
C GLN B 518 13.04 -20.33 -30.25
N ASN B 519 12.85 -19.77 -29.07
CA ASN B 519 12.87 -20.50 -27.78
C ASN B 519 11.77 -21.57 -27.84
N ALA B 520 10.56 -21.21 -28.24
CA ALA B 520 9.42 -22.16 -28.35
C ALA B 520 9.79 -23.31 -29.26
N VAL B 521 10.38 -23.04 -30.44
CA VAL B 521 10.79 -24.11 -31.40
C VAL B 521 11.92 -24.96 -30.78
N ALA B 522 12.94 -24.33 -30.23
CA ALA B 522 14.08 -24.99 -29.53
C ALA B 522 13.56 -25.86 -28.36
N SER B 523 12.52 -25.43 -27.66
CA SER B 523 11.87 -26.26 -26.62
C SER B 523 11.34 -27.58 -27.24
N LYS B 524 10.42 -27.52 -28.20
CA LYS B 524 9.84 -28.70 -28.88
C LYS B 524 10.94 -29.64 -29.39
N ILE B 525 11.95 -29.14 -30.09
CA ILE B 525 12.91 -30.00 -30.85
C ILE B 525 13.96 -30.58 -29.87
N LEU B 526 14.55 -29.75 -29.01
CA LEU B 526 15.75 -30.08 -28.20
C LEU B 526 15.35 -30.57 -26.81
N GLY B 527 14.22 -30.08 -26.30
CA GLY B 527 13.76 -30.38 -24.94
C GLY B 527 14.59 -29.70 -23.87
N LEU B 528 15.58 -28.86 -24.22
CA LEU B 528 16.39 -28.14 -23.20
C LEU B 528 15.47 -27.14 -22.52
N PRO B 529 15.76 -26.73 -21.27
CA PRO B 529 15.11 -25.56 -20.71
C PRO B 529 15.50 -24.33 -21.56
N THR B 530 14.64 -23.32 -21.53
CA THR B 530 14.65 -22.21 -22.51
C THR B 530 14.56 -20.85 -21.81
N GLN B 531 15.37 -19.90 -22.27
CA GLN B 531 15.51 -18.57 -21.65
C GLN B 531 15.76 -17.55 -22.77
N THR B 532 14.99 -16.46 -22.85
CA THR B 532 15.36 -15.29 -23.68
C THR B 532 16.60 -14.69 -23.03
N VAL B 533 17.40 -13.92 -23.76
CA VAL B 533 18.59 -13.27 -23.15
C VAL B 533 18.13 -12.39 -22.00
N ASP B 534 17.10 -11.59 -22.27
CA ASP B 534 16.55 -10.57 -21.34
C ASP B 534 16.08 -11.26 -20.06
N SER B 535 15.41 -12.41 -20.14
CA SER B 535 14.96 -13.16 -18.92
C SER B 535 16.13 -13.93 -18.27
N SER B 536 17.26 -14.14 -18.97
CA SER B 536 18.44 -14.86 -18.45
C SER B 536 19.25 -13.96 -17.52
N GLN B 537 19.13 -12.64 -17.66
CA GLN B 537 19.96 -11.63 -16.96
C GLN B 537 19.89 -11.89 -15.44
N GLY B 538 21.04 -12.01 -14.78
CA GLY B 538 21.18 -12.25 -13.32
C GLY B 538 21.29 -13.71 -12.93
N SER B 539 21.05 -14.65 -13.85
CA SER B 539 21.15 -16.12 -13.64
C SER B 539 22.44 -16.67 -14.28
N GLU B 540 22.76 -17.91 -13.95
CA GLU B 540 23.99 -18.61 -14.42
C GLU B 540 23.70 -20.11 -14.54
N TYR B 541 24.30 -20.72 -15.54
CA TYR B 541 24.12 -22.15 -15.90
C TYR B 541 25.48 -22.71 -16.28
N ASP B 542 25.72 -24.00 -15.98
CA ASP B 542 26.99 -24.67 -16.31
C ASP B 542 27.22 -24.48 -17.81
N TYR B 543 26.22 -24.82 -18.60
CA TYR B 543 26.31 -24.90 -20.07
C TYR B 543 25.18 -24.05 -20.65
N VAL B 544 25.52 -23.26 -21.66
CA VAL B 544 24.56 -22.36 -22.37
C VAL B 544 24.67 -22.70 -23.85
N ILE B 545 23.54 -22.81 -24.53
CA ILE B 545 23.54 -22.80 -26.02
C ILE B 545 22.81 -21.53 -26.41
N PHE B 546 23.46 -20.73 -27.24
CA PHE B 546 22.94 -19.44 -27.74
C PHE B 546 22.88 -19.51 -29.26
N THR B 547 21.71 -19.32 -29.84
CA THR B 547 21.52 -19.08 -31.30
C THR B 547 21.10 -17.63 -31.45
N GLN B 548 21.90 -16.84 -32.16
CA GLN B 548 21.62 -15.40 -32.37
C GLN B 548 20.30 -15.23 -33.13
N THR B 549 19.91 -16.23 -33.91
CA THR B 549 18.66 -16.28 -34.71
C THR B 549 18.73 -15.37 -35.94
N THR B 550 18.88 -14.05 -35.75
CA THR B 550 18.90 -13.03 -36.84
C THR B 550 20.14 -12.16 -36.72
N GLU B 551 20.38 -11.31 -37.72
CA GLU B 551 21.21 -10.07 -37.65
C GLU B 551 20.23 -8.91 -37.68
N THR B 552 19.83 -8.46 -36.51
CA THR B 552 19.00 -7.26 -36.30
C THR B 552 19.67 -6.42 -35.20
N ALA B 553 19.15 -5.23 -34.94
CA ALA B 553 19.72 -4.35 -33.91
C ALA B 553 19.52 -5.05 -32.57
N HIS B 554 18.42 -5.80 -32.43
CA HIS B 554 18.03 -6.53 -31.21
C HIS B 554 19.09 -7.61 -30.92
N SER B 555 19.41 -8.41 -31.93
CA SER B 555 20.23 -9.62 -31.75
C SER B 555 21.72 -9.28 -31.78
N CYS B 556 22.09 -8.06 -32.19
CA CYS B 556 23.51 -7.64 -32.25
C CYS B 556 23.78 -6.60 -31.18
N ASN B 557 22.78 -6.28 -30.38
CA ASN B 557 22.99 -5.30 -29.29
C ASN B 557 24.09 -5.90 -28.40
N VAL B 558 25.21 -5.18 -28.24
CA VAL B 558 26.42 -5.66 -27.53
C VAL B 558 26.08 -5.90 -26.07
N ASN B 559 25.13 -5.14 -25.52
CA ASN B 559 24.71 -5.30 -24.10
C ASN B 559 23.99 -6.65 -23.97
N ARG B 560 23.11 -6.99 -24.90
CA ARG B 560 22.35 -8.27 -24.90
C ARG B 560 23.34 -9.41 -25.16
N PHE B 561 24.23 -9.22 -26.14
CA PHE B 561 25.32 -10.18 -26.44
C PHE B 561 26.17 -10.45 -25.19
N ASN B 562 26.55 -9.39 -24.50
CA ASN B 562 27.33 -9.44 -23.23
C ASN B 562 26.60 -10.36 -22.24
N VAL B 563 25.32 -10.10 -21.97
CA VAL B 563 24.52 -10.88 -20.98
C VAL B 563 24.42 -12.34 -21.45
N ALA B 564 23.98 -12.54 -22.70
CA ALA B 564 23.82 -13.88 -23.32
C ALA B 564 24.97 -14.82 -22.91
N ILE B 565 26.22 -14.44 -23.17
CA ILE B 565 27.38 -15.35 -23.14
C ILE B 565 28.00 -15.41 -21.73
N THR B 566 27.71 -14.42 -20.88
CA THR B 566 28.23 -14.33 -19.49
C THR B 566 27.27 -15.06 -18.55
N ARG B 567 26.27 -15.80 -19.03
CA ARG B 567 25.46 -16.68 -18.13
C ARG B 567 26.20 -17.99 -17.82
N ALA B 568 27.26 -18.33 -18.54
CA ALA B 568 27.85 -19.69 -18.56
C ALA B 568 28.99 -19.79 -17.54
N LYS B 569 28.97 -20.86 -16.74
CA LYS B 569 30.04 -21.17 -15.74
C LYS B 569 31.12 -22.06 -16.36
N VAL B 570 30.77 -22.95 -17.30
CA VAL B 570 31.67 -24.03 -17.79
C VAL B 570 31.84 -23.90 -19.30
N GLY B 571 30.74 -24.08 -20.04
CA GLY B 571 30.75 -24.10 -21.52
C GLY B 571 29.64 -23.25 -22.12
N ILE B 572 29.87 -22.78 -23.34
CA ILE B 572 28.86 -22.10 -24.19
C ILE B 572 29.10 -22.52 -25.64
N LEU B 573 28.01 -22.76 -26.38
CA LEU B 573 27.98 -22.91 -27.85
C LEU B 573 27.15 -21.74 -28.40
N CYS B 574 27.79 -20.94 -29.25
CA CYS B 574 27.21 -19.73 -29.87
C CYS B 574 27.10 -20.00 -31.35
N ILE B 575 25.88 -20.12 -31.85
CA ILE B 575 25.60 -20.21 -33.30
C ILE B 575 25.28 -18.79 -33.73
N MET B 576 26.16 -18.18 -34.51
CA MET B 576 26.16 -16.71 -34.79
C MET B 576 25.61 -16.42 -36.17
N SER B 577 24.96 -15.27 -36.32
CA SER B 577 24.54 -14.73 -37.65
C SER B 577 25.39 -13.52 -38.02
N ASP B 578 25.96 -12.84 -37.02
CA ASP B 578 26.73 -11.59 -37.16
C ASP B 578 28.21 -11.91 -37.30
N ARG B 579 28.79 -11.57 -38.44
CA ARG B 579 30.24 -11.77 -38.73
C ARG B 579 31.05 -11.04 -37.65
N ASP B 580 30.71 -9.78 -37.42
CA ASP B 580 31.31 -8.85 -36.43
C ASP B 580 31.49 -9.58 -35.09
N LEU B 581 30.36 -9.87 -34.45
CA LEU B 581 30.30 -10.49 -33.09
C LEU B 581 30.89 -11.89 -33.16
N TYR B 582 30.65 -12.63 -34.25
CA TYR B 582 31.25 -13.99 -34.38
C TYR B 582 32.76 -13.85 -34.23
N ASP B 583 33.36 -12.92 -34.99
CA ASP B 583 34.84 -12.75 -35.03
C ASP B 583 35.33 -12.38 -33.62
N LYS B 584 34.72 -11.37 -32.98
CA LYS B 584 35.12 -10.86 -31.63
C LYS B 584 35.04 -11.99 -30.59
N LEU B 585 34.20 -13.01 -30.80
CA LEU B 585 34.12 -14.15 -29.84
C LEU B 585 35.47 -14.88 -29.80
N GLN B 586 36.08 -14.99 -28.62
CA GLN B 586 37.41 -15.65 -28.46
C GLN B 586 37.17 -17.10 -28.07
N PHE B 587 36.37 -17.80 -28.88
CA PHE B 587 36.01 -19.22 -28.64
C PHE B 587 36.63 -20.02 -29.76
N THR B 588 36.67 -21.32 -29.56
CA THR B 588 37.06 -22.32 -30.58
C THR B 588 35.98 -22.37 -31.66
N SER B 589 36.33 -22.03 -32.91
CA SER B 589 35.42 -22.15 -34.07
C SER B 589 35.17 -23.64 -34.33
N LEU B 590 33.89 -24.03 -34.44
CA LEU B 590 33.47 -25.38 -34.89
C LEU B 590 33.24 -25.36 -36.41
N GLU B 591 33.25 -26.55 -37.00
CA GLU B 591 32.99 -26.81 -38.43
C GLU B 591 31.70 -27.63 -38.53
N ILE B 592 30.77 -27.19 -39.40
CA ILE B 592 29.69 -27.98 -40.07
C ILE B 592 28.80 -26.97 -40.80
N1 VVG C . -2.96 5.45 0.40
C4 VVG C . -2.43 7.71 -0.37
C5 VVG C . -2.21 8.60 -1.41
C6 VVG C . -2.31 8.20 -2.72
C7 VVG C . -2.63 6.90 -3.02
C8 VVG C . -2.85 6.02 -2.00
C1 VVG C . -0.55 6.47 2.19
C2 VVG C . -0.33 5.34 1.23
S1 VVG C . -1.80 4.40 0.90
O1 VVG C . -2.24 3.80 2.12
O2 VVG C . -1.52 3.55 -0.22
C3 VVG C . -2.76 6.39 -0.66
F1 VVG C . -3.17 4.75 -2.30
N1 VVG D . 28.41 -0.23 34.77
C4 VVG D . 26.17 -1.25 34.82
C5 VVG D . 24.83 -1.19 35.19
C6 VVG D . 24.36 -0.10 35.88
C7 VVG D . 25.19 0.94 36.22
C8 VVG D . 26.51 0.87 35.86
C1 VVG D . 30.33 2.68 35.17
C2 VVG D . 30.72 1.26 34.82
S1 VVG D . 29.68 0.16 35.74
O1 VVG D . 29.14 0.97 36.79
O2 VVG D . 30.38 -1.05 36.04
C3 VVG D . 27.03 -0.21 35.15
F1 VVG D . 27.34 1.89 36.20
ZN ZN E . 8.21 -5.38 29.05
ZN ZN F . 12.88 6.16 31.31
ZN ZN G . 25.23 -18.81 30.24
P PO4 H . -27.14 12.04 10.22
O1 PO4 H . -25.98 12.18 9.22
O2 PO4 H . -27.46 10.59 10.49
O3 PO4 H . -28.35 12.76 9.67
O4 PO4 H . -26.76 12.68 11.55
P PO4 I . -26.88 7.83 12.70
O1 PO4 I . -26.44 8.20 11.28
O2 PO4 I . -26.20 6.55 13.16
O3 PO4 I . -28.36 7.62 12.74
O4 PO4 I . -26.47 8.94 13.64
ZN ZN J . -14.14 35.58 -28.78
ZN ZN K . 2.15 22.08 -23.01
ZN ZN L . 9.49 29.30 -15.24
P PO4 M . 27.30 -11.17 -9.24
O1 PO4 M . 26.66 -11.83 -10.46
O2 PO4 M . 27.99 -9.88 -9.65
O3 PO4 M . 28.39 -12.04 -8.64
O4 PO4 M . 26.18 -10.94 -8.21
P PO4 N . 24.63 -10.65 -13.67
O1 PO4 N . 25.26 -11.96 -14.08
O2 PO4 N . 25.71 -9.61 -13.59
O3 PO4 N . 23.57 -10.26 -14.71
O4 PO4 N . 23.96 -10.81 -12.33
#